data_8FLQ
#
_entry.id   8FLQ
#
_cell.length_a   1.00
_cell.length_b   1.00
_cell.length_c   1.00
_cell.angle_alpha   90.00
_cell.angle_beta   90.00
_cell.angle_gamma   90.00
#
_symmetry.space_group_name_H-M   'P 1'
#
loop_
_entity.id
_entity.type
_entity.pdbx_description
1 polymer 'Guanine nucleotide-binding protein G(s) subunit alpha isoforms short'
2 polymer 'Guanine nucleotide-binding protein G(I)/G(S)/G(T) subunit beta-1'
3 polymer 'Guanine nucleotide-binding protein G(I)/G(S)/G(O) subunit gamma-2'
4 polymer Nanobody35
5 polymer 'Parathyroid hormone'
6 polymer 'Parathyroid hormone/parathyroid hormone-related peptide receptor'
7 water water
#
loop_
_entity_poly.entity_id
_entity_poly.type
_entity_poly.pdbx_seq_one_letter_code
_entity_poly.pdbx_strand_id
1 'polypeptide(L)'
;MGCLGNSKTEDQRNEEKAQREANKKIEKQLQKDKQVYRATHRLLLLGAGESGKNTIVKQMRILHVNGFNGEGGEEDPQAA
RSNSDGEKATKVQDIKNNLKEAIETIVAAMSNLVPPVELANPENQFRVDYILSVMNVPDFDFPPEFYEHAKALWEDEGVR
ACYERSNEYQLIDCAQYFLDKIDVIKQADYVPSDQDLLRCRVLTSGIFETKFQVDKVNFHMFDVGAQRDERRKWIQCFND
VTAIIFVVASSSYNMVIREDNQTNRLQAALKLFDSIWNNKWLRDTSVILFLNKQDLLAEKVLAGKSKIEDYFPEFARYTT
PEDATPEPGEDPRVTRAKYFIRDEFLRISTASGDGRHYCYPHFTCAVDTENIRRVFNDCRDIIQRMHLRQYELL
;
A
2 'polypeptide(L)'
;QSELDQLRQEAEQLKNQIRDARKACADATLSQITNNIDPVGRIQMRTRRTLRGHLAKIYAMHWGTDSRLLVSASQDGKLI
IWDSYTTNKVHAIPLRSSWVMTCAYAPSGNYVACGGLDNICSIYNLKTREGNVRVSRELAGHTGYLSCCRFLDDNQIVTS
SGDTTCALWDIETGQQTTTFTGHTGDVMSLSLAPDTRLFVSGACDASAKLWDVREGMCRQTFTGHESDINAICFFPNGNA
FATGSDDATCRLFDLRADQELMTYSHDNIICGITSVSFSKSGRLLLAGYDDFNCNVWDALKADRAGVLAGHDNRVSCLGV
TDDGMAVATGSWDSFLKIWN
;
B
3 'polypeptide(L)' NTASIAQARKLVEQLKMEANIDRIKVSKAAADLMAYCEAHAKEDPLLTPVPASENPFR G
4 'polypeptide(L)'
;QVQLQESGGGLVQPGGSLRLSCAASGFTFSNYKMNWVRQAPGKGLEWVSDISQSGASISYTGSVKGRFTISRDNAKNTLY
LQMNSLKPEDTAVYYCARCPAPFTRDCFDVTSTTYAYRGQGTQVTVSS
;
N
5 'polypeptide(L)' SVSEIQLMHNLGKHLNSMERVEWLRKKLQDVHNF P
6 'polypeptide(L)'
;MKTIIALSYIFCLVFADYKDDDDLEVLFQGPADDVMTKEEQIFLLHRAQAQCEKRLKEVLQRPASIMESDKGWTSASTSG
KPRKDKASGKLYPESEEDKEAPTGSRYRGRPCLPEWDHILCWPLGAPGEVVAVPCPDYIYDFNHKGHAYRRCDRNGSWEL
VPGHNRTWANYSECVKFLTNETREREVFDRLGMIYTVGYSVSLASLTVAVLILAYFRRLHCTRNYIHMHLFLSFMLRAVS
IFVKDAVLYSGATLDEAERLTEEELRAIAQAPPPPATAAAGYAGCRVAVTFFLYFLATNYYWILVEGLYLHSLIFMAFFS
EKKYLWGFTVFGWGLPAVFVAVWVSVRATLANTGCWDLSSGNKKWIIQVPILASIVLNFILFINIVRVLATKLRETNAGR
CDTRQQYRKLLKSTLVLMPLFGVHYIVFMATPYTEVSGTLWQVQMHYEMLFNSFQGFFVAIIYCFCNGEVQAEIKKSWSR
WTLALDFKRKARSGSSSYSYGPMVSHTSVTNVGPRVGLGLPLSPRLLPTATTNGHPQLPGHAKPGTPALETLETTPPAMA
APKDDGFLNGSCSGLDEEASGPERPPALLQEEWETVMPAGLEVLFQGPHHHHHHHH
;
R
#
# COMPACT_ATOMS: atom_id res chain seq x y z
N ASN A 14 33.60 -9.49 -21.93
CA ASN A 14 34.44 -9.54 -20.74
C ASN A 14 34.01 -8.48 -19.73
N GLU A 15 33.76 -7.27 -20.21
CA GLU A 15 33.32 -6.20 -19.32
C GLU A 15 31.92 -6.47 -18.77
N GLU A 16 31.05 -7.06 -19.60
CA GLU A 16 29.69 -7.33 -19.15
C GLU A 16 29.67 -8.36 -18.02
N LYS A 17 30.54 -9.36 -18.09
CA LYS A 17 30.62 -10.34 -17.01
C LYS A 17 31.06 -9.70 -15.69
N ALA A 18 32.06 -8.81 -15.74
CA ALA A 18 32.50 -8.11 -14.54
C ALA A 18 31.39 -7.22 -14.00
N GLN A 19 30.66 -6.53 -14.89
CA GLN A 19 29.56 -5.69 -14.47
C GLN A 19 28.47 -6.51 -13.78
N ARG A 20 28.14 -7.68 -14.35
CA ARG A 20 27.13 -8.53 -13.74
C ARG A 20 27.59 -9.07 -12.39
N GLU A 21 28.87 -9.42 -12.26
CA GLU A 21 29.39 -9.88 -10.98
C GLU A 21 29.31 -8.79 -9.93
N ALA A 22 29.69 -7.55 -10.29
CA ALA A 22 29.58 -6.43 -9.37
C ALA A 22 28.13 -6.17 -9.01
N ASN A 23 27.22 -6.31 -9.98
CA ASN A 23 25.81 -6.12 -9.70
C ASN A 23 25.28 -7.16 -8.72
N LYS A 24 25.70 -8.41 -8.86
CA LYS A 24 25.29 -9.45 -7.92
C LYS A 24 25.85 -9.19 -6.53
N LYS A 25 27.11 -8.75 -6.47
CA LYS A 25 27.70 -8.37 -5.19
C LYS A 25 26.90 -7.25 -4.54
N ILE A 26 26.43 -6.30 -5.33
CA ILE A 26 25.57 -5.23 -4.82
C ILE A 26 24.23 -5.79 -4.37
N GLU A 27 23.66 -6.72 -5.14
CA GLU A 27 22.33 -7.25 -4.85
C GLU A 27 22.28 -7.99 -3.52
N LYS A 28 23.31 -8.78 -3.21
CA LYS A 28 23.28 -9.50 -1.94
C LYS A 28 23.31 -8.54 -0.76
N GLN A 29 24.16 -7.51 -0.82
CA GLN A 29 24.22 -6.52 0.24
C GLN A 29 22.92 -5.72 0.31
N LEU A 30 22.29 -5.48 -0.84
CA LEU A 30 21.02 -4.75 -0.84
C LEU A 30 19.90 -5.59 -0.26
N GLN A 31 19.94 -6.91 -0.43
CA GLN A 31 19.00 -7.78 0.24
C GLN A 31 19.19 -7.74 1.76
N LYS A 32 20.45 -7.76 2.20
CA LYS A 32 20.72 -7.62 3.63
C LYS A 32 20.18 -6.30 4.16
N ASP A 33 20.44 -5.20 3.43
CA ASP A 33 19.94 -3.89 3.83
C ASP A 33 18.43 -3.82 3.78
N LYS A 34 17.80 -4.55 2.84
CA LYS A 34 16.34 -4.61 2.80
C LYS A 34 15.79 -5.27 4.05
N GLN A 35 16.40 -6.37 4.48
CA GLN A 35 15.97 -7.02 5.72
C GLN A 35 16.14 -6.07 6.91
N VAL A 36 17.28 -5.38 6.97
CA VAL A 36 17.52 -4.45 8.08
C VAL A 36 16.48 -3.33 8.06
N TYR A 37 16.19 -2.79 6.87
CA TYR A 37 15.25 -1.68 6.76
C TYR A 37 13.84 -2.11 7.16
N ARG A 38 13.41 -3.29 6.72
CA ARG A 38 12.07 -3.74 7.08
C ARG A 38 11.98 -4.12 8.55
N ALA A 39 13.10 -4.52 9.17
CA ALA A 39 13.07 -4.86 10.58
C ALA A 39 12.95 -3.66 11.51
N THR A 40 13.13 -2.44 10.99
CA THR A 40 13.15 -1.24 11.81
C THR A 40 11.93 -0.37 11.50
N HIS A 41 11.41 0.29 12.53
CA HIS A 41 10.26 1.16 12.42
C HIS A 41 10.69 2.61 12.62
N ARG A 42 10.29 3.48 11.69
CA ARG A 42 10.68 4.88 11.70
C ARG A 42 9.55 5.72 12.29
N LEU A 43 9.91 6.62 13.20
CA LEU A 43 8.95 7.49 13.87
C LEU A 43 9.39 8.94 13.70
N LEU A 44 8.42 9.83 13.48
CA LEU A 44 8.69 11.25 13.41
C LEU A 44 8.18 11.92 14.68
N LEU A 45 9.11 12.37 15.53
CA LEU A 45 8.74 13.08 16.76
C LEU A 45 8.62 14.56 16.45
N LEU A 46 7.41 15.09 16.52
CA LEU A 46 7.15 16.48 16.18
C LEU A 46 6.40 17.16 17.31
N GLY A 47 6.85 18.36 17.67
CA GLY A 47 6.23 19.10 18.75
C GLY A 47 6.83 20.48 18.93
N ALA A 48 6.17 21.32 19.72
CA ALA A 48 6.65 22.68 19.95
C ALA A 48 7.89 22.65 20.84
N GLY A 49 8.54 23.81 20.95
CA GLY A 49 9.74 23.90 21.76
C GLY A 49 9.48 23.70 23.24
N GLU A 50 8.32 24.18 23.71
CA GLU A 50 7.94 24.09 25.11
C GLU A 50 7.02 22.91 25.40
N SER A 51 6.83 22.01 24.44
CA SER A 51 5.93 20.88 24.61
C SER A 51 6.56 19.74 25.41
N GLY A 52 7.84 19.83 25.75
CA GLY A 52 8.50 18.74 26.43
C GLY A 52 8.99 17.62 25.53
N LYS A 53 9.01 17.86 24.22
CA LYS A 53 9.48 16.85 23.29
C LYS A 53 10.95 16.50 23.54
N ASN A 54 11.78 17.51 23.82
CA ASN A 54 13.19 17.27 24.09
C ASN A 54 13.38 16.46 25.36
N THR A 55 12.55 16.69 26.37
CA THR A 55 12.61 15.88 27.58
C THR A 55 12.25 14.43 27.28
N ILE A 56 11.27 14.21 26.42
CA ILE A 56 10.94 12.86 25.99
C ILE A 56 12.12 12.23 25.26
N VAL A 57 12.80 13.00 24.42
CA VAL A 57 14.00 12.50 23.74
C VAL A 57 15.03 12.06 24.75
N LYS A 58 15.27 12.89 25.78
CA LYS A 58 16.26 12.56 26.80
C LYS A 58 15.86 11.30 27.56
N GLN A 59 14.58 11.17 27.90
CA GLN A 59 14.11 9.99 28.63
C GLN A 59 14.28 8.73 27.80
N MET A 60 13.96 8.80 26.51
CA MET A 60 14.12 7.63 25.65
C MET A 60 15.60 7.31 25.41
N ARG A 61 16.46 8.33 25.37
CA ARG A 61 17.87 8.10 25.10
C ARG A 61 18.57 7.48 26.30
N ILE A 62 18.28 7.98 27.51
CA ILE A 62 18.90 7.42 28.70
C ILE A 62 18.42 6.00 28.94
N LEU A 63 17.15 5.72 28.62
CA LEU A 63 16.60 4.38 28.79
C LEU A 63 17.16 3.42 27.75
N SER A 205 23.22 20.03 13.46
CA SER A 205 22.58 18.90 12.79
C SER A 205 21.16 19.25 12.36
N GLY A 206 20.81 18.88 11.13
CA GLY A 206 19.48 19.16 10.60
C GLY A 206 18.42 18.17 10.99
N ILE A 207 18.80 17.07 11.64
CA ILE A 207 17.84 16.11 12.17
C ILE A 207 18.57 15.24 13.16
N PHE A 208 17.87 14.84 14.22
CA PHE A 208 18.45 14.06 15.30
C PHE A 208 17.84 12.66 15.29
N GLU A 209 18.70 11.64 15.33
CA GLU A 209 18.29 10.26 15.18
C GLU A 209 18.44 9.55 16.52
N THR A 210 17.40 8.82 16.92
CA THR A 210 17.39 8.08 18.17
C THR A 210 17.00 6.63 17.88
N LYS A 211 17.92 5.71 18.15
CA LYS A 211 17.65 4.29 17.99
C LYS A 211 17.33 3.69 19.36
N PHE A 212 16.16 3.06 19.47
CA PHE A 212 15.80 2.38 20.71
C PHE A 212 15.02 1.12 20.40
N GLN A 213 15.25 0.08 21.19
CA GLN A 213 14.61 -1.20 20.94
C GLN A 213 13.70 -1.57 22.10
N VAL A 214 12.50 -2.01 21.77
CA VAL A 214 11.49 -2.46 22.72
C VAL A 214 11.05 -3.85 22.32
N ASP A 215 11.18 -4.81 23.26
CA ASP A 215 10.84 -6.21 23.01
C ASP A 215 11.57 -6.73 21.77
N LYS A 216 12.85 -6.38 21.66
CA LYS A 216 13.72 -6.74 20.54
C LYS A 216 13.25 -6.18 19.21
N VAL A 217 12.42 -5.14 19.23
CA VAL A 217 11.95 -4.46 18.03
C VAL A 217 12.65 -3.11 17.94
N ASN A 218 13.22 -2.82 16.77
CA ASN A 218 14.01 -1.61 16.59
C ASN A 218 13.12 -0.46 16.15
N PHE A 219 13.30 0.69 16.78
CA PHE A 219 12.61 1.92 16.44
C PHE A 219 13.64 3.02 16.19
N HIS A 220 13.43 3.76 15.11
CA HIS A 220 14.29 4.87 14.70
C HIS A 220 13.44 6.13 14.72
N MET A 221 13.57 6.92 15.77
CA MET A 221 12.81 8.15 15.91
C MET A 221 13.63 9.33 15.43
N PHE A 222 12.97 10.28 14.77
CA PHE A 222 13.64 11.41 14.16
C PHE A 222 13.06 12.71 14.69
N ASP A 223 13.91 13.50 15.34
CA ASP A 223 13.52 14.81 15.86
C ASP A 223 14.02 15.87 14.90
N VAL A 224 13.10 16.73 14.46
CA VAL A 224 13.44 17.77 13.50
C VAL A 224 14.09 18.94 14.24
N GLY A 225 15.35 19.20 13.92
CA GLY A 225 16.05 20.35 14.47
C GLY A 225 16.79 21.07 13.36
N ALA A 226 17.11 22.34 13.62
CA ALA A 226 17.77 23.20 12.65
C ALA A 226 16.99 23.24 11.33
N GLN A 227 15.67 23.19 11.44
CA GLN A 227 14.79 23.32 10.25
C GLN A 227 13.80 24.44 10.54
N ARG A 228 13.53 25.30 9.55
CA ARG A 228 12.62 26.46 9.74
C ARG A 228 11.24 25.97 10.21
N ASP A 229 10.40 26.90 10.65
CA ASP A 229 9.04 26.54 11.17
C ASP A 229 8.10 26.27 9.99
N GLU A 230 8.51 26.59 8.77
CA GLU A 230 7.69 26.30 7.60
C GLU A 230 7.85 24.82 7.25
N ARG A 231 6.99 24.00 7.85
CA ARG A 231 7.11 22.55 7.78
C ARG A 231 6.51 21.92 6.53
N ARG A 232 5.81 22.70 5.71
CA ARG A 232 4.95 22.11 4.68
C ARG A 232 5.72 21.33 3.61
N LYS A 233 7.03 21.47 3.53
CA LYS A 233 7.82 20.77 2.52
C LYS A 233 8.60 19.59 3.10
N TRP A 234 9.31 19.80 4.21
CA TRP A 234 10.08 18.72 4.79
C TRP A 234 9.23 17.76 5.63
N ILE A 235 7.96 18.07 5.85
CA ILE A 235 7.07 17.13 6.51
C ILE A 235 6.66 16.00 5.57
N GLN A 236 6.80 16.20 4.26
CA GLN A 236 6.46 15.15 3.30
C GLN A 236 7.47 14.01 3.32
N CYS A 237 8.64 14.23 3.91
CA CYS A 237 9.64 13.17 4.00
C CYS A 237 9.19 12.03 4.92
N PHE A 238 8.20 12.27 5.76
CA PHE A 238 7.75 11.31 6.75
C PHE A 238 6.36 10.77 6.43
N ASN A 239 6.07 10.56 5.15
CA ASN A 239 4.77 10.01 4.76
C ASN A 239 4.67 8.53 5.07
N ASP A 240 5.80 7.83 5.11
CA ASP A 240 5.81 6.38 5.28
C ASP A 240 6.44 5.95 6.60
N VAL A 241 6.53 6.87 7.57
CA VAL A 241 6.96 6.46 8.90
C VAL A 241 5.84 5.68 9.57
N THR A 242 6.22 4.89 10.57
CA THR A 242 5.23 4.12 11.31
C THR A 242 4.23 5.04 12.01
N ALA A 243 4.72 6.12 12.61
CA ALA A 243 3.83 7.06 13.29
C ALA A 243 4.53 8.41 13.44
N ILE A 244 3.72 9.45 13.49
CA ILE A 244 4.17 10.77 13.88
C ILE A 244 3.72 11.00 15.32
N ILE A 245 4.68 11.11 16.23
CA ILE A 245 4.39 11.36 17.64
C ILE A 245 4.28 12.87 17.77
N PHE A 246 3.04 13.35 17.81
CA PHE A 246 2.73 14.77 17.94
C PHE A 246 2.61 15.10 19.42
N VAL A 247 3.50 15.96 19.91
CA VAL A 247 3.55 16.30 21.33
C VAL A 247 2.90 17.66 21.53
N VAL A 248 1.97 17.73 22.47
CA VAL A 248 1.21 18.93 22.76
C VAL A 248 1.48 19.34 24.20
N ALA A 249 1.64 20.64 24.42
CA ALA A 249 1.69 21.21 25.76
C ALA A 249 0.24 21.48 26.16
N SER A 250 -0.39 20.48 26.80
CA SER A 250 -1.81 20.58 27.12
C SER A 250 -2.10 21.70 28.10
N SER A 251 -1.09 22.13 28.87
CA SER A 251 -1.26 23.18 29.85
C SER A 251 -1.08 24.58 29.26
N SER A 252 -0.80 24.69 27.97
CA SER A 252 -0.51 25.98 27.33
C SER A 252 -1.72 26.60 26.65
N TYR A 253 -2.91 26.39 27.20
CA TYR A 253 -4.13 26.99 26.64
C TYR A 253 -4.14 28.50 26.84
N GLN A 262 2.91 34.07 21.79
CA GLN A 262 1.80 33.15 21.59
C GLN A 262 0.80 33.23 22.73
N THR A 263 -0.34 33.88 22.48
CA THR A 263 -1.39 33.98 23.49
C THR A 263 -1.96 32.61 23.83
N ASN A 264 -2.16 31.77 22.82
CA ASN A 264 -2.76 30.45 23.00
C ASN A 264 -1.95 29.44 22.18
N ARG A 265 -1.09 28.69 22.88
CA ARG A 265 -0.31 27.66 22.22
C ARG A 265 -1.13 26.41 21.93
N LEU A 266 -2.17 26.16 22.73
CA LEU A 266 -3.01 25.00 22.50
C LEU A 266 -3.73 25.09 21.16
N GLN A 267 -4.22 26.28 20.81
CA GLN A 267 -4.85 26.45 19.51
C GLN A 267 -3.85 26.27 18.38
N ALA A 268 -2.60 26.72 18.58
CA ALA A 268 -1.55 26.48 17.59
C ALA A 268 -1.31 25.00 17.39
N ALA A 269 -1.25 24.24 18.49
CA ALA A 269 -1.06 22.80 18.37
C ALA A 269 -2.26 22.13 17.71
N LEU A 270 -3.47 22.63 18.00
CA LEU A 270 -4.66 22.08 17.34
C LEU A 270 -4.62 22.32 15.84
N LYS A 271 -4.24 23.53 15.42
CA LYS A 271 -4.14 23.83 14.00
C LYS A 271 -3.05 23.00 13.32
N LEU A 272 -1.91 22.82 14.00
CA LEU A 272 -0.85 22.00 13.45
C LEU A 272 -1.28 20.55 13.31
N PHE A 273 -1.99 20.03 14.31
CA PHE A 273 -2.52 18.67 14.24
C PHE A 273 -3.53 18.55 13.09
N ASP A 274 -4.36 19.57 12.89
CA ASP A 274 -5.30 19.54 11.78
C ASP A 274 -4.58 19.53 10.44
N SER A 275 -3.54 20.35 10.29
CA SER A 275 -2.78 20.39 9.06
C SER A 275 -2.09 19.05 8.79
N ILE A 276 -1.53 18.43 9.83
CA ILE A 276 -0.91 17.12 9.67
C ILE A 276 -1.95 16.07 9.30
N TRP A 277 -3.10 16.10 9.98
CA TRP A 277 -4.14 15.10 9.77
C TRP A 277 -4.70 15.16 8.36
N ASN A 278 -4.91 16.37 7.84
CA ASN A 278 -5.53 16.55 6.53
C ASN A 278 -4.52 16.72 5.40
N ASN A 279 -3.24 16.54 5.68
CA ASN A 279 -2.25 16.56 4.61
C ASN A 279 -2.39 15.30 3.77
N LYS A 280 -2.39 15.46 2.44
CA LYS A 280 -2.64 14.34 1.54
C LYS A 280 -1.55 13.27 1.67
N TRP A 281 -0.30 13.69 1.88
CA TRP A 281 0.79 12.74 2.01
C TRP A 281 0.85 12.11 3.39
N LEU A 282 0.24 12.73 4.39
CA LEU A 282 0.17 12.18 5.74
C LEU A 282 -1.19 11.59 6.06
N ARG A 283 -2.06 11.40 5.04
CA ARG A 283 -3.37 10.82 5.28
C ARG A 283 -3.31 9.34 5.61
N ASP A 284 -2.19 8.69 5.33
CA ASP A 284 -2.01 7.28 5.67
C ASP A 284 -1.05 7.08 6.82
N THR A 285 -0.60 8.16 7.46
CA THR A 285 0.34 8.10 8.56
C THR A 285 -0.40 8.32 9.87
N SER A 286 -0.31 7.35 10.79
CA SER A 286 -0.95 7.48 12.07
C SER A 286 -0.24 8.51 12.94
N VAL A 287 -0.99 9.15 13.81
CA VAL A 287 -0.47 10.17 14.71
C VAL A 287 -0.67 9.70 16.14
N ILE A 288 0.42 9.60 16.89
CA ILE A 288 0.36 9.31 18.32
C ILE A 288 0.35 10.65 19.05
N LEU A 289 -0.76 10.95 19.73
CA LEU A 289 -0.93 12.23 20.38
C LEU A 289 -0.46 12.12 21.83
N PHE A 290 0.58 12.88 22.17
CA PHE A 290 1.12 12.94 23.53
C PHE A 290 0.72 14.28 24.13
N LEU A 291 -0.36 14.28 24.90
CA LEU A 291 -0.76 15.46 25.67
C LEU A 291 0.18 15.52 26.88
N ASN A 292 1.29 16.24 26.70
CA ASN A 292 2.49 16.04 27.49
C ASN A 292 2.51 16.80 28.82
N LYS A 293 1.58 17.71 29.06
CA LYS A 293 1.68 18.55 30.24
C LYS A 293 0.50 18.34 31.17
N GLN A 294 0.16 17.06 31.40
CA GLN A 294 -0.96 16.73 32.27
C GLN A 294 -0.76 17.21 33.70
N ASP A 295 0.46 17.06 34.23
CA ASP A 295 0.72 17.52 35.59
C ASP A 295 0.61 19.04 35.69
N LEU A 296 1.20 19.75 34.73
CA LEU A 296 1.11 21.21 34.73
C LEU A 296 -0.33 21.66 34.51
N LEU A 297 -1.05 20.97 33.62
CA LEU A 297 -2.48 21.27 33.42
C LEU A 297 -3.27 21.09 34.71
N ALA A 298 -3.01 20.00 35.43
CA ALA A 298 -3.71 19.74 36.68
C ALA A 298 -3.41 20.84 37.70
N GLU A 299 -2.14 21.21 37.84
CA GLU A 299 -1.79 22.25 38.79
C GLU A 299 -2.43 23.59 38.41
N LYS A 300 -2.44 23.92 37.12
CA LYS A 300 -3.02 25.18 36.67
C LYS A 300 -4.53 25.22 36.94
N VAL A 301 -5.24 24.13 36.63
CA VAL A 301 -6.69 24.14 36.82
C VAL A 301 -7.04 24.08 38.30
N LEU A 302 -6.20 23.43 39.12
CA LEU A 302 -6.45 23.40 40.55
C LEU A 302 -6.20 24.75 41.20
N ALA A 303 -5.18 25.47 40.72
CA ALA A 303 -4.88 26.79 41.27
C ALA A 303 -5.97 27.82 41.01
N GLY A 304 -6.89 27.53 40.08
CA GLY A 304 -7.96 28.45 39.77
C GLY A 304 -7.61 29.55 38.79
N LYS A 305 -6.36 29.62 38.34
CA LYS A 305 -5.93 30.64 37.39
C LYS A 305 -6.10 30.20 35.95
N SER A 306 -6.64 28.99 35.72
CA SER A 306 -6.82 28.52 34.35
C SER A 306 -7.79 29.40 33.58
N LYS A 307 -9.04 29.44 34.02
CA LYS A 307 -10.10 30.18 33.34
C LYS A 307 -10.15 29.82 31.87
N ILE A 308 -10.20 28.51 31.59
CA ILE A 308 -10.12 28.01 30.23
C ILE A 308 -11.28 28.52 29.39
N GLU A 309 -12.42 28.82 30.02
CA GLU A 309 -13.63 29.17 29.28
C GLU A 309 -13.44 30.42 28.43
N ASP A 310 -12.54 31.32 28.80
CA ASP A 310 -12.33 32.52 27.99
C ASP A 310 -11.56 32.21 26.72
N TYR A 311 -10.54 31.35 26.79
CA TYR A 311 -9.86 30.88 25.60
C TYR A 311 -10.64 29.81 24.86
N PHE A 312 -11.57 29.13 25.52
CA PHE A 312 -12.39 28.08 24.91
C PHE A 312 -13.79 28.13 25.50
N PRO A 313 -14.68 28.91 24.90
CA PRO A 313 -16.07 28.96 25.41
C PRO A 313 -16.75 27.61 25.41
N GLU A 314 -16.46 26.75 24.44
CA GLU A 314 -17.07 25.44 24.38
C GLU A 314 -16.74 24.59 25.61
N PHE A 315 -15.68 24.94 26.33
CA PHE A 315 -15.35 24.22 27.56
C PHE A 315 -16.39 24.45 28.65
N ALA A 316 -17.10 25.58 28.61
CA ALA A 316 -18.06 25.89 29.66
C ALA A 316 -19.22 24.89 29.65
N ARG A 317 -19.81 24.65 28.49
CA ARG A 317 -20.91 23.71 28.38
C ARG A 317 -20.46 22.26 28.31
N TYR A 318 -19.15 22.03 28.11
CA TYR A 318 -18.64 20.67 27.97
C TYR A 318 -18.74 19.92 29.29
N THR A 319 -19.00 18.61 29.19
CA THR A 319 -19.09 17.73 30.34
C THR A 319 -18.12 16.57 30.18
N THR A 320 -17.63 16.05 31.31
CA THR A 320 -16.70 14.93 31.27
C THR A 320 -17.39 13.72 30.64
N PRO A 321 -16.72 13.01 29.74
CA PRO A 321 -17.34 11.84 29.11
C PRO A 321 -17.49 10.68 30.09
N GLU A 322 -18.37 9.74 29.71
CA GLU A 322 -18.65 8.60 30.57
C GLU A 322 -17.47 7.64 30.62
N ASP A 323 -16.77 7.46 29.50
CA ASP A 323 -15.69 6.47 29.42
C ASP A 323 -14.40 6.95 30.07
N ALA A 324 -14.32 8.22 30.47
CA ALA A 324 -13.11 8.75 31.08
C ALA A 324 -12.79 7.98 32.36
N THR A 325 -11.51 7.59 32.51
CA THR A 325 -11.02 6.86 33.67
C THR A 325 -10.03 7.76 34.42
N PRO A 326 -10.48 8.49 35.44
CA PRO A 326 -9.57 9.39 36.15
C PRO A 326 -8.50 8.63 36.92
N GLU A 327 -7.35 9.28 37.08
CA GLU A 327 -6.29 8.74 37.92
C GLU A 327 -6.75 8.75 39.38
N PRO A 328 -6.21 7.87 40.21
CA PRO A 328 -6.58 7.87 41.64
C PRO A 328 -6.24 9.22 42.28
N GLY A 329 -7.17 9.71 43.10
CA GLY A 329 -6.98 10.99 43.76
C GLY A 329 -6.94 12.18 42.83
N GLU A 330 -7.66 12.14 41.71
CA GLU A 330 -7.64 13.22 40.74
C GLU A 330 -8.91 14.07 40.86
N ASP A 331 -8.73 15.39 40.83
CA ASP A 331 -9.85 16.30 40.90
C ASP A 331 -10.70 16.17 39.64
N PRO A 332 -12.04 16.23 39.77
CA PRO A 332 -12.90 16.11 38.58
C PRO A 332 -12.65 17.19 37.54
N ARG A 333 -12.29 18.41 37.95
CA ARG A 333 -12.03 19.47 36.99
C ARG A 333 -10.78 19.16 36.15
N VAL A 334 -9.78 18.51 36.77
CA VAL A 334 -8.60 18.08 36.02
C VAL A 334 -9.00 17.14 34.89
N THR A 335 -9.79 16.13 35.23
CA THR A 335 -10.26 15.18 34.22
C THR A 335 -11.09 15.88 33.16
N ARG A 336 -11.96 16.80 33.58
CA ARG A 336 -12.81 17.52 32.63
C ARG A 336 -11.96 18.29 31.62
N ALA A 337 -11.00 19.08 32.11
CA ALA A 337 -10.18 19.88 31.20
C ALA A 337 -9.30 19.01 30.30
N LYS A 338 -8.67 17.99 30.87
CA LYS A 338 -7.77 17.16 30.06
C LYS A 338 -8.53 16.41 28.97
N TYR A 339 -9.70 15.85 29.32
CA TYR A 339 -10.48 15.17 28.31
C TYR A 339 -11.14 16.14 27.35
N PHE A 340 -11.36 17.39 27.77
CA PHE A 340 -11.86 18.40 26.84
C PHE A 340 -10.82 18.69 25.76
N ILE A 341 -9.56 18.85 26.15
CA ILE A 341 -8.51 19.07 25.17
C ILE A 341 -8.32 17.84 24.29
N ARG A 342 -8.37 16.65 24.90
CA ARG A 342 -8.25 15.42 24.13
C ARG A 342 -9.38 15.30 23.11
N ASP A 343 -10.61 15.66 23.49
CA ASP A 343 -11.72 15.62 22.56
C ASP A 343 -11.64 16.75 21.53
N GLU A 344 -11.00 17.87 21.89
CA GLU A 344 -10.74 18.91 20.91
C GLU A 344 -9.85 18.39 19.79
N PHE A 345 -8.85 17.59 20.15
CA PHE A 345 -8.02 16.98 19.11
C PHE A 345 -8.75 15.84 18.40
N LEU A 346 -9.55 15.07 19.13
CA LEU A 346 -10.29 13.97 18.53
C LEU A 346 -11.39 14.46 17.59
N ARG A 347 -11.87 15.69 17.75
CA ARG A 347 -12.81 16.26 16.81
C ARG A 347 -12.20 16.39 15.43
N ILE A 348 -10.94 16.83 15.37
CA ILE A 348 -10.22 16.88 14.10
C ILE A 348 -9.90 15.47 13.62
N SER A 349 -9.45 14.60 14.53
CA SER A 349 -8.97 13.28 14.11
C SER A 349 -10.11 12.44 13.55
N THR A 350 -11.29 12.47 14.19
CA THR A 350 -12.39 11.62 13.74
C THR A 350 -13.02 12.14 12.46
N ALA A 351 -12.90 13.44 12.20
CA ALA A 351 -13.45 14.03 10.99
C ALA A 351 -12.65 13.56 9.78
N SER A 352 -13.21 12.61 9.04
CA SER A 352 -12.60 12.06 7.83
C SER A 352 -11.27 11.36 8.15
N GLY A 353 -11.34 10.41 9.07
CA GLY A 353 -10.25 9.49 9.30
C GLY A 353 -10.37 8.29 8.39
N ASP A 354 -11.58 7.73 8.35
CA ASP A 354 -11.99 6.76 7.32
C ASP A 354 -11.12 5.51 7.32
N GLY A 355 -10.58 5.16 8.49
CA GLY A 355 -9.88 3.89 8.64
C GLY A 355 -8.62 3.75 7.81
N ARG A 356 -7.98 4.85 7.44
CA ARG A 356 -6.70 4.81 6.76
C ARG A 356 -5.53 5.23 7.63
N HIS A 357 -5.77 6.11 8.60
CA HIS A 357 -4.77 6.49 9.59
C HIS A 357 -5.52 6.81 10.87
N TYR A 358 -4.82 6.66 11.99
CA TYR A 358 -5.47 6.67 13.30
C TYR A 358 -4.73 7.60 14.24
N CYS A 359 -5.48 8.19 15.16
CA CYS A 359 -4.93 9.06 16.20
C CYS A 359 -4.99 8.32 17.53
N TYR A 360 -3.87 8.33 18.25
CA TYR A 360 -3.76 7.65 19.53
C TYR A 360 -3.48 8.68 20.61
N PRO A 361 -4.50 9.27 21.22
CA PRO A 361 -4.25 10.25 22.29
C PRO A 361 -3.82 9.58 23.57
N HIS A 362 -2.80 10.16 24.21
CA HIS A 362 -2.31 9.67 25.49
C HIS A 362 -2.06 10.84 26.41
N PHE A 363 -2.54 10.74 27.65
CA PHE A 363 -2.24 11.72 28.69
C PHE A 363 -0.85 11.39 29.24
N THR A 364 0.15 12.16 28.83
CA THR A 364 1.53 11.84 29.12
C THR A 364 2.18 12.96 29.92
N CYS A 365 3.33 12.64 30.52
CA CYS A 365 4.20 13.63 31.12
C CYS A 365 5.58 13.49 30.49
N ALA A 366 6.37 14.57 30.55
CA ALA A 366 7.68 14.57 29.89
C ALA A 366 8.61 13.52 30.49
N VAL A 367 8.40 13.14 31.74
CA VAL A 367 9.29 12.20 32.42
C VAL A 367 8.61 10.84 32.62
N ASP A 368 7.55 10.55 31.87
CA ASP A 368 6.85 9.28 32.00
C ASP A 368 7.62 8.20 31.26
N THR A 369 8.07 7.17 32.00
CA THR A 369 8.72 6.02 31.39
C THR A 369 7.75 5.15 30.59
N GLU A 370 6.44 5.37 30.73
CA GLU A 370 5.43 4.63 30.00
C GLU A 370 5.27 5.13 28.57
N ASN A 371 5.91 6.25 28.22
CA ASN A 371 5.77 6.81 26.87
C ASN A 371 6.34 5.87 25.82
N ILE A 372 7.48 5.24 26.11
CA ILE A 372 8.10 4.33 25.16
C ILE A 372 7.19 3.13 24.90
N ARG A 373 6.61 2.57 25.97
CA ARG A 373 5.68 1.45 25.82
C ARG A 373 4.42 1.89 25.08
N ARG A 374 3.95 3.12 25.32
CA ARG A 374 2.79 3.62 24.60
C ARG A 374 3.08 3.70 23.10
N VAL A 375 4.25 4.21 22.74
CA VAL A 375 4.64 4.28 21.33
C VAL A 375 4.74 2.88 20.74
N PHE A 376 5.33 1.94 21.48
CA PHE A 376 5.47 0.58 20.98
C PHE A 376 4.11 -0.06 20.74
N ASN A 377 3.19 0.09 21.70
CA ASN A 377 1.87 -0.51 21.56
C ASN A 377 1.08 0.14 20.42
N ASP A 378 1.20 1.46 20.28
CA ASP A 378 0.53 2.14 19.16
C ASP A 378 1.10 1.67 17.83
N CYS A 379 2.41 1.48 17.76
CA CYS A 379 3.02 0.98 16.52
C CYS A 379 2.56 -0.43 16.21
N ARG A 380 2.46 -1.28 17.24
CA ARG A 380 1.93 -2.63 17.03
C ARG A 380 0.50 -2.58 16.51
N ASP A 381 -0.32 -1.70 17.08
CA ASP A 381 -1.70 -1.55 16.61
C ASP A 381 -1.74 -1.04 15.17
N ILE A 382 -0.85 -0.11 14.83
CA ILE A 382 -0.80 0.41 13.46
C ILE A 382 -0.44 -0.70 12.49
N ILE A 383 0.55 -1.52 12.83
CA ILE A 383 0.96 -2.61 11.95
C ILE A 383 -0.16 -3.64 11.81
N GLN A 384 -0.83 -3.96 12.91
CA GLN A 384 -1.94 -4.90 12.85
C GLN A 384 -3.07 -4.38 11.99
N ARG A 385 -3.41 -3.09 12.13
CA ARG A 385 -4.48 -2.51 11.33
C ARG A 385 -4.10 -2.44 9.86
N MET A 386 -2.83 -2.14 9.56
CA MET A 386 -2.38 -2.16 8.18
C MET A 386 -2.48 -3.56 7.58
N HIS A 387 -2.10 -4.58 8.35
CA HIS A 387 -2.21 -5.95 7.87
C HIS A 387 -3.68 -6.32 7.63
N LEU A 388 -4.57 -5.92 8.53
CA LEU A 388 -5.98 -6.20 8.37
C LEU A 388 -6.55 -5.48 7.15
N ARG A 389 -6.08 -4.26 6.90
CA ARG A 389 -6.51 -3.53 5.70
C ARG A 389 -6.03 -4.23 4.44
N GLN A 390 -4.81 -4.77 4.47
CA GLN A 390 -4.32 -5.54 3.32
C GLN A 390 -5.21 -6.74 3.03
N TYR A 391 -5.88 -7.27 4.04
CA TYR A 391 -6.82 -8.36 3.90
C TYR A 391 -8.25 -7.90 3.74
N GLU A 392 -8.48 -6.59 3.63
CA GLU A 392 -9.81 -6.00 3.51
C GLU A 392 -10.70 -6.31 4.71
N LEU A 393 -10.10 -6.63 5.86
CA LEU A 393 -10.87 -6.88 7.06
C LEU A 393 -11.22 -5.58 7.78
N LEU A 394 -10.38 -4.56 7.62
CA LEU A 394 -10.65 -3.24 8.18
C LEU A 394 -10.54 -2.17 7.11
N LEU B 4 11.03 53.53 7.15
CA LEU B 4 10.62 52.25 6.61
C LEU B 4 9.39 52.41 5.73
N ASP B 5 8.49 53.33 6.10
CA ASP B 5 7.30 53.58 5.31
C ASP B 5 7.66 54.10 3.92
N GLN B 6 8.63 55.02 3.85
CA GLN B 6 9.10 55.48 2.54
C GLN B 6 9.75 54.37 1.74
N LEU B 7 10.45 53.46 2.41
CA LEU B 7 11.01 52.30 1.72
C LEU B 7 9.91 51.42 1.14
N ARG B 8 8.84 51.20 1.91
CA ARG B 8 7.72 50.40 1.38
C ARG B 8 7.05 51.10 0.21
N GLN B 9 6.88 52.42 0.29
CA GLN B 9 6.28 53.16 -0.82
C GLN B 9 7.15 53.08 -2.07
N GLU B 10 8.47 53.23 -1.90
CA GLU B 10 9.38 53.12 -3.04
C GLU B 10 9.36 51.71 -3.62
N ALA B 11 9.26 50.69 -2.75
CA ALA B 11 9.19 49.32 -3.24
C ALA B 11 7.91 49.09 -4.04
N GLU B 12 6.78 49.64 -3.57
CA GLU B 12 5.54 49.52 -4.33
C GLU B 12 5.63 50.23 -5.67
N GLN B 13 6.24 51.42 -5.69
CA GLN B 13 6.42 52.13 -6.94
C GLN B 13 7.30 51.35 -7.90
N LEU B 14 8.39 50.76 -7.38
CA LEU B 14 9.28 49.96 -8.21
C LEU B 14 8.56 48.72 -8.75
N LYS B 15 7.73 48.08 -7.93
CA LYS B 15 6.98 46.93 -8.39
C LYS B 15 6.01 47.31 -9.50
N ASN B 16 5.32 48.45 -9.33
CA ASN B 16 4.42 48.92 -10.38
C ASN B 16 5.19 49.24 -11.67
N GLN B 17 6.35 49.87 -11.54
CA GLN B 17 7.17 50.18 -12.72
C GLN B 17 7.64 48.91 -13.41
N ILE B 18 8.05 47.91 -12.64
CA ILE B 18 8.49 46.63 -13.22
C ILE B 18 7.34 45.95 -13.94
N ARG B 19 6.15 45.95 -13.33
CA ARG B 19 4.99 45.35 -13.97
C ARG B 19 4.64 46.07 -15.27
N ASP B 20 4.69 47.40 -15.26
CA ASP B 20 4.39 48.17 -16.47
C ASP B 20 5.44 47.93 -17.56
N ALA B 21 6.71 47.82 -17.17
CA ALA B 21 7.75 47.53 -18.16
C ALA B 21 7.55 46.15 -18.77
N ARG B 22 7.22 45.15 -17.95
CA ARG B 22 6.97 43.82 -18.46
C ARG B 22 5.76 43.80 -19.37
N LYS B 23 4.72 44.58 -19.04
CA LYS B 23 3.56 44.71 -19.91
C LYS B 23 3.95 45.34 -21.24
N ALA B 24 4.78 46.39 -21.20
CA ALA B 24 5.20 47.05 -22.43
C ALA B 24 6.04 46.13 -23.30
N CYS B 25 6.85 45.27 -22.69
CA CYS B 25 7.66 44.32 -23.46
C CYS B 25 6.83 43.18 -24.04
N ALA B 26 5.59 43.01 -23.60
CA ALA B 26 4.73 41.93 -24.07
C ALA B 26 3.63 42.52 -24.94
N ASP B 27 3.72 42.27 -26.25
CA ASP B 27 2.67 42.69 -27.18
C ASP B 27 1.81 41.52 -27.64
N ALA B 28 2.42 40.37 -27.91
CA ALA B 28 1.73 39.18 -28.37
C ALA B 28 2.09 37.99 -27.50
N THR B 29 1.12 37.12 -27.27
CA THR B 29 1.32 35.92 -26.48
C THR B 29 2.11 34.88 -27.26
N LEU B 30 2.63 33.88 -26.55
CA LEU B 30 3.40 32.83 -27.19
C LEU B 30 2.54 32.04 -28.18
N SER B 31 1.23 31.96 -27.95
CA SER B 31 0.35 31.23 -28.85
C SER B 31 0.33 31.86 -30.24
N GLN B 32 0.15 33.18 -30.30
CA GLN B 32 0.13 33.87 -31.58
C GLN B 32 1.48 33.79 -32.27
N ILE B 33 2.57 33.96 -31.51
CA ILE B 33 3.90 33.95 -32.10
C ILE B 33 4.25 32.56 -32.61
N THR B 34 3.70 31.51 -32.01
CA THR B 34 3.94 30.13 -32.42
C THR B 34 2.82 29.59 -33.31
N ASN B 35 2.24 30.44 -34.15
CA ASN B 35 1.22 29.99 -35.09
C ASN B 35 1.83 29.24 -36.27
N ASN B 36 3.10 29.45 -36.56
CA ASN B 36 3.76 28.86 -37.72
C ASN B 36 4.42 27.52 -37.42
N ILE B 37 4.23 26.98 -36.22
CA ILE B 37 4.83 25.71 -35.83
C ILE B 37 3.72 24.69 -35.58
N ASP B 38 3.91 23.48 -36.09
CA ASP B 38 2.90 22.44 -36.03
C ASP B 38 2.90 21.75 -34.67
N PRO B 39 1.74 21.26 -34.21
CA PRO B 39 1.71 20.47 -32.98
C PRO B 39 2.44 19.16 -33.16
N VAL B 40 3.02 18.67 -32.06
CA VAL B 40 3.78 17.44 -32.10
C VAL B 40 2.89 16.21 -32.04
N GLY B 41 1.61 16.38 -31.70
CA GLY B 41 0.71 15.26 -31.59
C GLY B 41 0.97 14.44 -30.34
N ARG B 42 0.37 13.25 -30.33
CA ARG B 42 0.52 12.35 -29.19
C ARG B 42 1.95 11.84 -29.11
N ILE B 43 2.54 11.93 -27.92
CA ILE B 43 3.88 11.43 -27.65
C ILE B 43 3.72 10.19 -26.79
N GLN B 44 3.89 9.01 -27.41
CA GLN B 44 3.64 7.75 -26.74
C GLN B 44 4.97 7.08 -26.37
N MET B 45 5.48 7.45 -25.21
CA MET B 45 6.64 6.77 -24.66
C MET B 45 6.20 5.54 -23.87
N ARG B 46 7.13 4.61 -23.70
CA ARG B 46 6.87 3.37 -22.98
C ARG B 46 8.02 3.12 -22.02
N THR B 47 7.71 2.41 -20.94
CA THR B 47 8.72 2.07 -19.94
C THR B 47 9.68 1.05 -20.53
N ARG B 48 10.82 1.52 -21.04
CA ARG B 48 11.82 0.63 -21.61
C ARG B 48 12.60 -0.11 -20.53
N ARG B 49 12.87 0.53 -19.39
CA ARG B 49 13.55 -0.13 -18.29
C ARG B 49 12.83 0.18 -16.98
N THR B 50 12.94 -0.73 -16.03
CA THR B 50 12.47 -0.50 -14.67
C THR B 50 13.59 -0.87 -13.71
N LEU B 51 14.16 0.13 -13.06
CA LEU B 51 15.22 -0.06 -12.09
C LEU B 51 14.59 -0.30 -10.72
N ARG B 52 14.82 -1.50 -10.18
CA ARG B 52 14.27 -1.92 -8.90
C ARG B 52 15.41 -2.20 -7.94
N GLY B 53 15.15 -1.97 -6.66
CA GLY B 53 16.17 -2.15 -5.64
C GLY B 53 16.09 -1.12 -4.54
N HIS B 54 15.51 0.04 -4.87
CA HIS B 54 15.30 1.07 -3.83
C HIS B 54 14.18 0.57 -2.93
N LEU B 55 14.28 0.82 -1.63
CA LEU B 55 13.31 0.33 -0.66
C LEU B 55 12.22 1.35 -0.36
N ALA B 56 12.61 2.62 -0.26
CA ALA B 56 11.63 3.67 0.05
C ALA B 56 11.42 4.54 -1.17
N LYS B 57 10.66 5.61 -1.01
CA LYS B 57 10.39 6.54 -2.13
C LYS B 57 11.70 7.13 -2.65
N ILE B 58 11.82 7.25 -3.96
CA ILE B 58 13.01 7.91 -4.56
C ILE B 58 12.71 9.40 -4.60
N TYR B 59 13.58 10.22 -4.02
CA TYR B 59 13.35 11.68 -3.98
C TYR B 59 14.08 12.33 -5.15
N ALA B 60 15.18 11.75 -5.62
CA ALA B 60 15.95 12.43 -6.68
C ALA B 60 16.80 11.48 -7.52
N MET B 61 17.04 11.85 -8.78
CA MET B 61 17.99 11.14 -9.62
C MET B 61 18.74 12.15 -10.46
N HIS B 62 19.89 11.75 -10.98
CA HIS B 62 20.63 12.58 -11.91
C HIS B 62 21.31 11.70 -12.95
N TRP B 63 21.10 12.04 -14.22
CA TRP B 63 21.76 11.35 -15.31
C TRP B 63 23.24 11.71 -15.37
N GLY B 64 24.02 10.81 -15.96
CA GLY B 64 25.41 11.10 -16.25
C GLY B 64 25.59 11.80 -17.58
N THR B 65 26.81 12.31 -17.80
CA THR B 65 27.12 12.90 -19.10
C THR B 65 27.20 11.84 -20.18
N ASP B 66 27.56 10.61 -19.83
CA ASP B 66 27.56 9.52 -20.79
C ASP B 66 26.16 9.06 -21.17
N SER B 67 25.13 9.55 -20.49
CA SER B 67 23.74 9.19 -20.72
C SER B 67 23.47 7.71 -20.50
N ARG B 68 24.37 7.04 -19.79
CA ARG B 68 24.24 5.62 -19.48
C ARG B 68 24.21 5.34 -17.99
N LEU B 69 25.08 6.02 -17.23
CA LEU B 69 25.16 5.84 -15.79
C LEU B 69 24.39 6.95 -15.09
N LEU B 70 23.53 6.59 -14.15
CA LEU B 70 22.74 7.57 -13.43
C LEU B 70 22.71 7.23 -11.93
N VAL B 71 22.73 8.27 -11.10
CA VAL B 71 22.62 8.11 -9.67
C VAL B 71 21.17 8.37 -9.26
N SER B 72 20.67 7.58 -8.33
CA SER B 72 19.34 7.76 -7.77
C SER B 72 19.41 7.75 -6.25
N ALA B 73 18.64 8.63 -5.62
CA ALA B 73 18.63 8.74 -4.14
C ALA B 73 17.29 8.30 -3.59
N SER B 74 17.29 7.36 -2.65
CA SER B 74 16.03 6.92 -2.01
C SER B 74 16.10 7.25 -0.53
N GLN B 75 14.94 7.51 0.07
CA GLN B 75 14.90 7.85 1.47
C GLN B 75 15.05 6.64 2.39
N ASP B 76 15.45 5.49 1.86
CA ASP B 76 15.92 4.39 2.70
C ASP B 76 17.41 4.53 3.01
N GLY B 77 18.05 5.59 2.53
CA GLY B 77 19.46 5.81 2.78
C GLY B 77 20.38 5.28 1.71
N LYS B 78 19.95 5.26 0.45
CA LYS B 78 20.72 4.68 -0.62
C LYS B 78 20.88 5.65 -1.78
N LEU B 79 22.13 5.81 -2.23
CA LEU B 79 22.45 6.30 -3.57
C LEU B 79 22.82 5.08 -4.41
N ILE B 80 21.94 4.67 -5.30
CA ILE B 80 22.24 3.59 -6.21
C ILE B 80 22.68 4.18 -7.54
N ILE B 81 23.87 3.80 -7.98
CA ILE B 81 24.43 4.20 -9.26
C ILE B 81 24.15 3.07 -10.23
N TRP B 82 23.38 3.37 -11.27
CA TRP B 82 22.76 2.44 -12.18
C TRP B 82 23.42 2.54 -13.54
N ASP B 83 23.62 1.37 -14.16
CA ASP B 83 23.90 1.29 -15.60
C ASP B 83 22.54 1.07 -16.26
N SER B 84 21.99 2.14 -16.85
CA SER B 84 20.61 2.09 -17.31
C SER B 84 20.43 1.15 -18.50
N TYR B 85 21.50 0.89 -19.25
CA TYR B 85 21.39 0.03 -20.41
C TYR B 85 21.03 -1.39 -20.00
N THR B 86 21.77 -1.95 -19.04
CA THR B 86 21.60 -3.33 -18.61
C THR B 86 20.93 -3.45 -17.25
N THR B 87 20.41 -2.34 -16.72
CA THR B 87 19.77 -2.26 -15.40
C THR B 87 20.70 -2.69 -14.27
N ASN B 88 21.99 -2.88 -14.55
CA ASN B 88 22.92 -3.32 -13.53
C ASN B 88 23.27 -2.17 -12.60
N LYS B 89 23.28 -2.46 -11.30
CA LYS B 89 23.73 -1.48 -10.32
C LYS B 89 25.24 -1.41 -10.32
N VAL B 90 25.78 -0.21 -10.52
CA VAL B 90 27.22 -0.02 -10.53
C VAL B 90 27.75 0.30 -9.14
N HIS B 91 26.98 1.07 -8.37
CA HIS B 91 27.33 1.33 -6.98
C HIS B 91 26.07 1.31 -6.13
N ALA B 92 26.25 1.02 -4.84
CA ALA B 92 25.19 1.10 -3.84
C ALA B 92 25.79 1.78 -2.61
N ILE B 93 25.75 3.11 -2.58
CA ILE B 93 26.33 3.88 -1.49
C ILE B 93 25.31 4.02 -0.37
N PRO B 94 25.62 3.53 0.84
CA PRO B 94 24.74 3.78 1.99
C PRO B 94 25.01 5.16 2.56
N LEU B 95 23.94 5.92 2.78
CA LEU B 95 24.06 7.29 3.25
C LEU B 95 24.03 7.34 4.77
N ARG B 96 24.79 8.28 5.34
CA ARG B 96 24.76 8.48 6.78
C ARG B 96 23.38 8.92 7.24
N SER B 97 22.75 9.82 6.51
CA SER B 97 21.39 10.25 6.79
C SER B 97 20.46 9.71 5.72
N SER B 98 19.42 9.00 6.15
CA SER B 98 18.48 8.40 5.21
C SER B 98 17.51 9.40 4.61
N TRP B 99 17.47 10.63 5.12
CA TRP B 99 16.50 11.63 4.66
C TRP B 99 17.10 12.46 3.52
N VAL B 100 17.47 11.78 2.45
CA VAL B 100 18.06 12.43 1.29
C VAL B 100 16.93 12.94 0.39
N MET B 101 17.04 14.20 -0.02
CA MET B 101 16.04 14.83 -0.87
C MET B 101 16.62 15.27 -2.21
N THR B 102 17.92 15.13 -2.41
CA THR B 102 18.54 15.52 -3.67
C THR B 102 19.80 14.70 -3.88
N CYS B 103 20.16 14.54 -5.16
CA CYS B 103 21.41 13.87 -5.52
C CYS B 103 21.90 14.43 -6.84
N ALA B 104 23.21 14.53 -6.99
CA ALA B 104 23.83 15.02 -8.20
C ALA B 104 24.94 14.06 -8.63
N TYR B 105 25.20 14.03 -9.93
CA TYR B 105 26.25 13.19 -10.50
C TYR B 105 27.23 14.12 -11.20
N ALA B 106 28.51 13.97 -10.90
CA ALA B 106 29.50 14.91 -11.42
C ALA B 106 29.60 14.79 -12.93
N PRO B 107 29.81 15.89 -13.65
CA PRO B 107 29.98 15.79 -15.11
C PRO B 107 31.14 14.91 -15.52
N SER B 108 32.25 14.93 -14.78
CA SER B 108 33.35 14.02 -15.05
C SER B 108 32.99 12.58 -14.76
N GLY B 109 31.94 12.34 -13.97
CA GLY B 109 31.52 11.01 -13.61
C GLY B 109 32.28 10.40 -12.46
N ASN B 110 33.24 11.11 -11.87
CA ASN B 110 34.06 10.57 -10.81
C ASN B 110 33.48 10.82 -9.41
N TYR B 111 32.42 11.62 -9.30
CA TYR B 111 31.85 11.95 -8.00
C TYR B 111 30.33 11.95 -8.08
N VAL B 112 29.71 11.72 -6.94
CA VAL B 112 28.28 11.90 -6.76
C VAL B 112 28.05 12.79 -5.55
N ALA B 113 26.89 13.43 -5.52
CA ALA B 113 26.51 14.28 -4.41
C ALA B 113 25.13 13.85 -3.90
N CYS B 114 24.89 14.15 -2.63
CA CYS B 114 23.56 13.97 -2.06
C CYS B 114 23.42 14.91 -0.88
N GLY B 115 22.21 14.99 -0.36
CA GLY B 115 21.94 15.83 0.81
C GLY B 115 20.45 15.81 1.08
N GLY B 116 20.09 16.38 2.23
CA GLY B 116 18.70 16.36 2.63
C GLY B 116 18.43 17.06 3.94
N LEU B 117 17.65 16.41 4.81
CA LEU B 117 17.28 17.00 6.08
C LEU B 117 18.48 17.23 7.00
N ASP B 118 19.62 16.60 6.74
CA ASP B 118 20.80 16.77 7.56
C ASP B 118 21.55 18.07 7.26
N ASN B 119 21.12 18.82 6.24
CA ASN B 119 21.66 20.12 5.84
C ASN B 119 23.06 20.02 5.24
N ILE B 120 23.58 18.81 5.06
CA ILE B 120 24.95 18.59 4.62
C ILE B 120 24.93 18.07 3.19
N CYS B 121 25.80 18.61 2.35
CA CYS B 121 26.01 18.09 1.00
C CYS B 121 27.19 17.14 1.03
N SER B 122 26.92 15.85 0.84
CA SER B 122 27.95 14.82 0.86
C SER B 122 28.39 14.52 -0.56
N ILE B 123 29.70 14.59 -0.80
CA ILE B 123 30.32 14.27 -2.07
C ILE B 123 31.09 12.95 -1.88
N TYR B 124 30.71 11.95 -2.67
CA TYR B 124 31.34 10.62 -2.66
C TYR B 124 32.15 10.42 -3.92
N ASN B 125 33.35 9.87 -3.75
CA ASN B 125 34.21 9.54 -4.88
C ASN B 125 33.76 8.24 -5.54
N LEU B 126 33.95 8.16 -6.86
CA LEU B 126 33.60 6.97 -7.62
C LEU B 126 34.78 6.25 -8.23
N LYS B 127 35.95 6.87 -8.28
CA LYS B 127 37.12 6.33 -8.98
C LYS B 127 38.35 6.40 -8.08
N THR B 128 38.20 5.93 -6.84
CA THR B 128 39.31 5.95 -5.91
C THR B 128 40.42 5.01 -6.36
N ARG B 129 41.57 5.12 -5.69
CA ARG B 129 42.71 4.26 -6.01
C ARG B 129 42.39 2.79 -5.76
N GLU B 130 41.71 2.50 -4.65
CA GLU B 130 41.32 1.13 -4.32
C GLU B 130 40.04 0.69 -5.04
N GLY B 131 39.33 1.61 -5.68
CA GLY B 131 38.09 1.29 -6.37
C GLY B 131 36.86 1.34 -5.50
N ASN B 132 37.00 1.51 -4.19
CA ASN B 132 35.86 1.60 -3.30
C ASN B 132 35.21 2.98 -3.40
N VAL B 133 34.18 3.18 -2.59
CA VAL B 133 33.46 4.45 -2.52
C VAL B 133 33.61 5.01 -1.12
N ARG B 134 34.16 6.22 -1.01
CA ARG B 134 34.37 6.88 0.26
C ARG B 134 33.69 8.25 0.22
N VAL B 135 33.41 8.79 1.40
CA VAL B 135 32.89 10.14 1.51
C VAL B 135 34.02 11.11 1.22
N SER B 136 34.09 11.61 0.00
CA SER B 136 35.18 12.51 -0.36
C SER B 136 35.12 13.80 0.47
N ARG B 137 33.92 14.34 0.68
CA ARG B 137 33.80 15.51 1.53
C ARG B 137 32.37 15.64 2.04
N GLU B 138 32.21 16.32 3.17
CA GLU B 138 30.92 16.78 3.66
C GLU B 138 30.93 18.30 3.70
N LEU B 139 29.88 18.92 3.18
CA LEU B 139 29.75 20.36 3.07
C LEU B 139 28.64 20.81 4.01
N ALA B 140 29.03 21.45 5.11
CA ALA B 140 28.09 21.96 6.10
C ALA B 140 28.11 23.49 6.08
N GLY B 141 26.98 24.07 6.49
CA GLY B 141 26.84 25.51 6.49
C GLY B 141 25.44 25.99 6.17
N HIS B 142 24.63 25.13 5.56
CA HIS B 142 23.22 25.43 5.38
C HIS B 142 22.46 25.21 6.68
N THR B 143 21.54 26.12 6.98
CA THR B 143 20.73 26.03 8.19
C THR B 143 19.33 25.48 7.92
N GLY B 144 19.09 24.99 6.70
CA GLY B 144 17.84 24.34 6.37
C GLY B 144 18.15 23.14 5.49
N TYR B 145 17.13 22.31 5.28
CA TYR B 145 17.34 21.07 4.54
C TYR B 145 17.83 21.35 3.14
N LEU B 146 18.70 20.46 2.64
CA LEU B 146 19.26 20.61 1.30
C LEU B 146 18.26 20.04 0.30
N SER B 147 17.70 20.92 -0.54
CA SER B 147 16.66 20.49 -1.47
C SER B 147 17.19 20.16 -2.86
N CYS B 148 18.29 20.79 -3.27
CA CYS B 148 18.86 20.50 -4.57
C CYS B 148 20.36 20.73 -4.51
N CYS B 149 21.08 20.10 -5.44
CA CYS B 149 22.51 20.27 -5.58
C CYS B 149 22.91 19.88 -6.99
N ARG B 150 23.82 20.65 -7.58
CA ARG B 150 24.30 20.38 -8.93
C ARG B 150 25.79 20.70 -9.00
N PHE B 151 26.56 19.76 -9.54
CA PHE B 151 27.98 20.00 -9.74
C PHE B 151 28.20 21.02 -10.84
N LEU B 152 29.16 21.92 -10.61
CA LEU B 152 29.69 22.74 -11.70
C LEU B 152 30.87 22.04 -12.37
N ASP B 153 31.72 21.41 -11.57
CA ASP B 153 32.89 20.66 -12.02
C ASP B 153 33.34 19.82 -10.84
N ASP B 154 34.53 19.21 -10.97
CA ASP B 154 35.05 18.39 -9.88
C ASP B 154 35.34 19.18 -8.62
N ASN B 155 35.42 20.51 -8.71
CA ASN B 155 35.83 21.35 -7.59
C ASN B 155 34.73 22.27 -7.07
N GLN B 156 33.70 22.57 -7.85
CA GLN B 156 32.66 23.50 -7.45
C GLN B 156 31.30 22.84 -7.53
N ILE B 157 30.45 23.11 -6.54
CA ILE B 157 29.09 22.57 -6.50
C ILE B 157 28.14 23.66 -6.03
N VAL B 158 26.96 23.73 -6.65
CA VAL B 158 25.93 24.67 -6.25
C VAL B 158 24.79 23.91 -5.60
N THR B 159 24.31 24.43 -4.47
CA THR B 159 23.29 23.78 -3.65
C THR B 159 22.22 24.79 -3.29
N SER B 160 21.00 24.29 -3.05
CA SER B 160 19.86 25.13 -2.62
C SER B 160 19.32 24.56 -1.31
N SER B 161 18.73 25.39 -0.45
CA SER B 161 18.32 24.88 0.89
C SER B 161 16.99 25.45 1.35
N GLY B 162 16.32 24.77 2.28
CA GLY B 162 15.08 25.31 2.88
C GLY B 162 15.43 26.48 3.78
N ASP B 163 16.72 26.74 3.98
CA ASP B 163 17.15 27.93 4.76
C ASP B 163 16.83 29.18 3.95
N THR B 164 16.20 29.01 2.78
CA THR B 164 15.77 30.15 1.94
C THR B 164 16.97 30.73 1.18
N THR B 165 18.08 29.98 1.11
CA THR B 165 19.30 30.52 0.45
C THR B 165 19.96 29.47 -0.46
N CYS B 166 20.84 29.92 -1.35
CA CYS B 166 21.60 28.99 -2.22
C CYS B 166 23.10 29.24 -1.98
N ALA B 167 23.93 28.21 -2.12
CA ALA B 167 25.35 28.33 -1.84
C ALA B 167 26.17 27.71 -2.96
N LEU B 168 27.34 28.28 -3.21
CA LEU B 168 28.34 27.74 -4.11
C LEU B 168 29.57 27.37 -3.28
N TRP B 169 29.94 26.10 -3.33
CA TRP B 169 30.98 25.52 -2.49
C TRP B 169 32.16 25.08 -3.35
N ASP B 170 33.36 25.32 -2.82
CA ASP B 170 34.60 24.81 -3.38
C ASP B 170 34.83 23.45 -2.72
N ILE B 171 34.77 22.38 -3.52
CA ILE B 171 34.84 21.03 -2.96
C ILE B 171 36.24 20.73 -2.43
N GLU B 172 37.27 21.35 -3.01
CA GLU B 172 38.63 21.08 -2.56
C GLU B 172 38.85 21.53 -1.12
N THR B 173 38.33 22.70 -0.76
CA THR B 173 38.54 23.26 0.57
C THR B 173 37.33 23.15 1.48
N GLY B 174 36.16 22.84 0.94
CA GLY B 174 34.95 22.75 1.75
C GLY B 174 34.48 24.06 2.33
N GLN B 175 34.56 25.14 1.55
CA GLN B 175 34.13 26.46 1.98
C GLN B 175 33.08 27.01 1.02
N GLN B 176 32.22 27.87 1.53
CA GLN B 176 31.22 28.54 0.71
C GLN B 176 31.90 29.60 -0.15
N THR B 177 32.09 29.28 -1.42
CA THR B 177 32.64 30.28 -2.35
C THR B 177 31.70 31.47 -2.49
N THR B 178 30.39 31.20 -2.56
CA THR B 178 29.43 32.29 -2.78
C THR B 178 28.13 31.94 -2.08
N THR B 179 27.37 32.98 -1.72
CA THR B 179 26.05 32.82 -1.12
C THR B 179 25.04 33.64 -1.91
N PHE B 180 23.88 33.04 -2.15
CA PHE B 180 22.80 33.63 -2.94
C PHE B 180 21.57 33.74 -2.04
N THR B 181 21.25 34.96 -1.63
CA THR B 181 20.11 35.17 -0.71
C THR B 181 19.12 36.17 -1.35
N GLY B 182 17.83 36.01 -1.08
CA GLY B 182 16.82 36.90 -1.67
C GLY B 182 15.45 36.25 -1.66
N HIS B 183 15.40 34.92 -1.77
CA HIS B 183 14.12 34.18 -1.71
C HIS B 183 13.52 34.36 -0.31
N THR B 184 12.20 34.26 -0.19
CA THR B 184 11.52 34.42 1.13
C THR B 184 10.82 33.10 1.45
N GLY B 185 11.26 32.01 0.84
CA GLY B 185 10.71 30.67 1.11
C GLY B 185 11.77 29.62 0.83
N ASP B 186 11.55 28.38 1.26
CA ASP B 186 12.51 27.29 0.99
C ASP B 186 12.82 27.22 -0.50
N VAL B 187 14.10 27.24 -0.87
CA VAL B 187 14.45 27.03 -2.32
C VAL B 187 14.24 25.54 -2.57
N MET B 188 13.43 25.17 -3.56
CA MET B 188 13.08 23.74 -3.75
C MET B 188 14.01 23.07 -4.76
N SER B 189 14.43 23.80 -5.79
CA SER B 189 15.30 23.25 -6.81
C SER B 189 16.11 24.37 -7.44
N LEU B 190 17.19 23.98 -8.11
CA LEU B 190 18.02 24.89 -8.87
C LEU B 190 18.38 24.23 -10.19
N SER B 191 18.69 25.06 -11.18
CA SER B 191 19.08 24.58 -12.50
C SER B 191 20.25 25.42 -13.00
N LEU B 192 21.37 24.77 -13.29
CA LEU B 192 22.51 25.47 -13.85
C LEU B 192 22.26 25.81 -15.32
N ALA B 193 22.79 26.95 -15.75
CA ALA B 193 22.72 27.32 -17.16
C ALA B 193 23.65 26.43 -17.98
N PRO B 194 23.41 26.33 -19.28
CA PRO B 194 24.32 25.54 -20.14
C PRO B 194 25.77 25.98 -20.06
N ASP B 195 26.04 27.27 -19.86
CA ASP B 195 27.39 27.75 -19.69
C ASP B 195 27.84 27.77 -18.23
N THR B 196 26.99 27.35 -17.30
CA THR B 196 27.28 27.28 -15.87
C THR B 196 27.72 28.62 -15.29
N ARG B 197 27.32 29.73 -15.92
CA ARG B 197 27.60 31.05 -15.39
C ARG B 197 26.45 31.63 -14.59
N LEU B 198 25.21 31.27 -14.93
CA LEU B 198 24.03 31.68 -14.20
C LEU B 198 23.25 30.45 -13.77
N PHE B 199 22.36 30.62 -12.81
CA PHE B 199 21.47 29.53 -12.43
C PHE B 199 20.16 30.08 -11.89
N VAL B 200 19.07 29.37 -12.17
CA VAL B 200 17.74 29.76 -11.70
C VAL B 200 17.33 28.84 -10.57
N SER B 201 16.62 29.41 -9.60
CA SER B 201 16.13 28.66 -8.45
C SER B 201 14.71 29.09 -8.14
N GLY B 202 13.84 28.11 -7.94
CA GLY B 202 12.45 28.34 -7.56
C GLY B 202 12.28 28.08 -6.08
N ALA B 203 11.48 28.91 -5.42
CA ALA B 203 11.33 28.81 -3.97
C ALA B 203 9.87 28.70 -3.58
N CYS B 204 9.65 28.48 -2.29
CA CYS B 204 8.31 28.38 -1.71
C CYS B 204 7.65 29.74 -1.52
N ASP B 205 8.24 30.80 -2.05
CA ASP B 205 7.63 32.11 -2.08
C ASP B 205 6.89 32.38 -3.38
N ALA B 206 6.61 31.34 -4.16
CA ALA B 206 5.95 31.45 -5.47
C ALA B 206 6.78 32.28 -6.44
N SER B 207 8.10 32.26 -6.30
CA SER B 207 8.98 33.06 -7.13
C SER B 207 10.18 32.24 -7.58
N ALA B 208 10.64 32.55 -8.79
CA ALA B 208 11.91 32.05 -9.30
C ALA B 208 12.89 33.20 -9.36
N LYS B 209 14.19 32.90 -9.21
CA LYS B 209 15.21 33.93 -9.23
C LYS B 209 16.40 33.46 -10.05
N LEU B 210 16.98 34.39 -10.81
CA LEU B 210 18.14 34.13 -11.65
C LEU B 210 19.36 34.75 -10.99
N TRP B 211 20.38 33.93 -10.74
CA TRP B 211 21.55 34.32 -9.99
C TRP B 211 22.80 34.21 -10.86
N ASP B 212 23.63 35.26 -10.82
CA ASP B 212 24.95 35.23 -11.43
C ASP B 212 25.89 34.49 -10.48
N VAL B 213 26.49 33.40 -10.96
CA VAL B 213 27.36 32.60 -10.11
C VAL B 213 28.58 33.41 -9.67
N ARG B 214 29.17 34.16 -10.60
CA ARG B 214 30.37 34.92 -10.28
C ARG B 214 30.06 36.11 -9.39
N GLU B 215 29.01 36.87 -9.71
CA GLU B 215 28.66 38.06 -8.96
C GLU B 215 27.94 37.77 -7.65
N GLY B 216 27.21 36.65 -7.57
CA GLY B 216 26.52 36.30 -6.35
C GLY B 216 25.26 37.08 -6.07
N MET B 217 24.79 37.88 -7.01
CA MET B 217 23.58 38.69 -6.84
C MET B 217 22.44 38.12 -7.66
N CYS B 218 21.23 38.51 -7.28
CA CYS B 218 20.01 38.10 -7.99
C CYS B 218 19.79 39.04 -9.17
N ARG B 219 20.00 38.53 -10.38
CA ARG B 219 19.83 39.35 -11.57
C ARG B 219 18.36 39.67 -11.83
N GLN B 220 17.50 38.66 -11.80
CA GLN B 220 16.10 38.83 -12.15
C GLN B 220 15.23 38.01 -11.20
N THR B 221 14.01 38.50 -10.97
CA THR B 221 13.01 37.77 -10.21
C THR B 221 11.78 37.58 -11.07
N PHE B 222 11.31 36.34 -11.17
CA PHE B 222 10.17 35.97 -11.99
C PHE B 222 9.03 35.53 -11.10
N THR B 223 7.85 36.13 -11.31
CA THR B 223 6.66 35.83 -10.53
C THR B 223 5.55 35.42 -11.48
N GLY B 224 4.45 34.95 -10.90
CA GLY B 224 3.30 34.53 -11.67
C GLY B 224 2.68 33.26 -11.12
N HIS B 225 3.51 32.40 -10.55
CA HIS B 225 3.00 31.20 -9.90
C HIS B 225 2.24 31.57 -8.63
N GLU B 226 1.19 30.82 -8.35
CA GLU B 226 0.32 31.10 -7.22
C GLU B 226 0.69 30.33 -5.96
N SER B 227 1.64 29.40 -6.02
CA SER B 227 2.00 28.59 -4.86
C SER B 227 3.48 28.24 -4.95
N ASP B 228 3.92 27.36 -4.06
CA ASP B 228 5.34 27.02 -3.97
C ASP B 228 5.83 26.38 -5.27
N ILE B 229 6.99 26.83 -5.73
CA ILE B 229 7.64 26.27 -6.91
C ILE B 229 8.52 25.11 -6.46
N ASN B 230 8.16 23.90 -6.87
CA ASN B 230 8.88 22.70 -6.45
C ASN B 230 10.00 22.33 -7.41
N ALA B 231 9.87 22.66 -8.69
CA ALA B 231 10.81 22.25 -9.70
C ALA B 231 11.14 23.40 -10.63
N ILE B 232 12.35 23.37 -11.19
CA ILE B 232 12.81 24.40 -12.11
C ILE B 232 13.90 23.81 -12.99
N CYS B 233 13.94 24.22 -14.25
CA CYS B 233 14.90 23.71 -15.20
C CYS B 233 15.11 24.72 -16.31
N PHE B 234 16.36 24.88 -16.74
CA PHE B 234 16.68 25.76 -17.85
C PHE B 234 16.20 25.18 -19.17
N PHE B 235 15.74 26.06 -20.05
CA PHE B 235 15.56 25.69 -21.45
C PHE B 235 16.92 25.35 -22.04
N PRO B 236 16.99 24.41 -22.98
CA PRO B 236 18.29 23.99 -23.52
C PRO B 236 19.08 25.12 -24.16
N ASN B 237 18.45 26.19 -24.60
CA ASN B 237 19.18 27.30 -25.21
C ASN B 237 19.82 28.23 -24.18
N GLY B 238 19.43 28.12 -22.92
CA GLY B 238 20.03 28.91 -21.85
C GLY B 238 19.48 30.30 -21.68
N ASN B 239 18.50 30.71 -22.49
CA ASN B 239 17.88 32.03 -22.38
C ASN B 239 16.46 31.96 -21.84
N ALA B 240 16.03 30.80 -21.34
CA ALA B 240 14.69 30.63 -20.80
C ALA B 240 14.73 29.46 -19.82
N PHE B 241 13.62 29.28 -19.11
CA PHE B 241 13.53 28.20 -18.14
C PHE B 241 12.06 27.92 -17.85
N ALA B 242 11.83 26.81 -17.14
CA ALA B 242 10.48 26.39 -16.78
C ALA B 242 10.42 26.06 -15.29
N THR B 243 9.23 26.22 -14.73
CA THR B 243 8.97 25.98 -13.32
C THR B 243 7.69 25.16 -13.18
N GLY B 244 7.68 24.30 -12.17
CA GLY B 244 6.48 23.59 -11.79
C GLY B 244 6.11 23.93 -10.36
N SER B 245 4.84 24.16 -10.09
CA SER B 245 4.41 24.67 -8.79
C SER B 245 3.27 23.84 -8.22
N ASP B 246 2.91 24.15 -6.97
CA ASP B 246 1.79 23.50 -6.31
C ASP B 246 0.44 24.03 -6.78
N ASP B 247 0.41 25.10 -7.57
CA ASP B 247 -0.84 25.60 -8.12
C ASP B 247 -1.35 24.78 -9.29
N ALA B 248 -0.77 23.59 -9.48
CA ALA B 248 -1.14 22.64 -10.52
C ALA B 248 -0.83 23.15 -11.92
N THR B 249 0.06 24.13 -12.04
CA THR B 249 0.44 24.68 -13.33
C THR B 249 1.95 24.68 -13.47
N CYS B 250 2.42 24.47 -14.69
CA CYS B 250 3.80 24.75 -15.07
C CYS B 250 3.83 26.09 -15.78
N ARG B 251 4.97 26.77 -15.73
CA ARG B 251 5.12 28.04 -16.42
C ARG B 251 6.52 28.17 -17.00
N LEU B 252 6.58 28.60 -18.24
CA LEU B 252 7.83 28.87 -18.93
C LEU B 252 8.07 30.37 -18.96
N PHE B 253 9.21 30.78 -18.39
CA PHE B 253 9.68 32.16 -18.41
C PHE B 253 10.89 32.25 -19.33
N ASP B 254 11.18 33.45 -19.79
CA ASP B 254 12.38 33.72 -20.58
C ASP B 254 13.20 34.80 -19.88
N LEU B 255 14.51 34.60 -19.86
CA LEU B 255 15.38 35.45 -19.05
C LEU B 255 15.46 36.87 -19.60
N ARG B 256 15.54 37.03 -20.91
CA ARG B 256 15.78 38.34 -21.50
C ARG B 256 14.55 39.24 -21.49
N ALA B 257 13.35 38.68 -21.36
CA ALA B 257 12.15 39.51 -21.30
C ALA B 257 11.61 39.71 -19.89
N ASP B 258 12.13 38.97 -18.90
CA ASP B 258 11.86 39.12 -17.47
C ASP B 258 10.47 38.63 -17.07
N GLN B 259 9.62 38.20 -18.01
CA GLN B 259 8.25 37.84 -17.68
C GLN B 259 7.92 36.45 -18.22
N GLU B 260 6.76 35.96 -17.79
CA GLU B 260 6.32 34.63 -18.18
C GLU B 260 5.99 34.57 -19.67
N LEU B 261 6.40 33.47 -20.31
CA LEU B 261 6.06 33.22 -21.70
C LEU B 261 4.83 32.33 -21.84
N MET B 262 4.73 31.25 -21.07
CA MET B 262 3.66 30.29 -21.30
C MET B 262 3.23 29.68 -19.99
N THR B 263 1.98 29.22 -19.97
CA THR B 263 1.41 28.52 -18.82
C THR B 263 0.83 27.19 -19.28
N TYR B 264 1.31 26.10 -18.70
CA TYR B 264 0.87 24.74 -19.00
C TYR B 264 -0.03 24.31 -17.86
N SER B 265 -1.34 24.35 -18.11
CA SER B 265 -2.33 24.04 -17.08
C SER B 265 -3.52 23.36 -17.71
N HIS B 266 -4.31 22.69 -16.87
CA HIS B 266 -5.53 22.02 -17.30
C HIS B 266 -6.50 21.99 -16.13
N ASP B 267 -7.80 22.02 -16.44
CA ASP B 267 -8.81 21.95 -15.40
C ASP B 267 -8.77 20.62 -14.67
N ASN B 268 -8.56 19.53 -15.40
CA ASN B 268 -8.52 18.21 -14.79
C ASN B 268 -7.27 17.97 -13.95
N ILE B 269 -6.29 18.87 -14.01
CA ILE B 269 -5.07 18.76 -13.22
C ILE B 269 -5.23 19.68 -12.02
N ILE B 270 -5.38 19.09 -10.83
CA ILE B 270 -5.53 19.83 -9.59
C ILE B 270 -4.41 19.52 -8.60
N CYS B 271 -3.36 18.84 -9.06
CA CYS B 271 -2.24 18.46 -8.22
C CYS B 271 -0.98 19.20 -8.66
N GLY B 272 -0.06 19.40 -7.71
CA GLY B 272 1.14 20.15 -7.98
C GLY B 272 2.15 19.38 -8.80
N ILE B 273 3.18 20.11 -9.25
CA ILE B 273 4.26 19.56 -10.06
C ILE B 273 5.49 19.41 -9.18
N THR B 274 6.04 18.19 -9.14
CA THR B 274 7.23 17.91 -8.35
C THR B 274 8.53 18.04 -9.15
N SER B 275 8.50 17.76 -10.44
CA SER B 275 9.70 17.74 -11.24
C SER B 275 9.39 18.25 -12.65
N VAL B 276 10.33 18.97 -13.23
CA VAL B 276 10.24 19.43 -14.61
C VAL B 276 11.57 19.14 -15.30
N SER B 277 11.50 18.74 -16.57
CA SER B 277 12.70 18.50 -17.36
C SER B 277 12.37 18.72 -18.82
N PHE B 278 13.26 19.41 -19.52
CA PHE B 278 13.11 19.61 -20.95
C PHE B 278 13.77 18.49 -21.72
N SER B 279 13.27 18.24 -22.93
CA SER B 279 13.91 17.32 -23.84
C SER B 279 15.17 17.96 -24.43
N LYS B 280 15.82 17.24 -25.35
CA LYS B 280 17.05 17.74 -25.94
C LYS B 280 16.81 19.03 -26.72
N SER B 281 15.74 19.08 -27.50
CA SER B 281 15.42 20.26 -28.30
C SER B 281 14.64 21.31 -27.55
N GLY B 282 14.06 20.97 -26.39
CA GLY B 282 13.23 21.89 -25.65
C GLY B 282 11.80 21.98 -26.14
N ARG B 283 11.43 21.23 -27.18
CA ARG B 283 10.04 21.25 -27.66
C ARG B 283 9.10 20.54 -26.70
N LEU B 284 9.60 19.62 -25.88
CA LEU B 284 8.79 18.90 -24.92
C LEU B 284 9.20 19.29 -23.51
N LEU B 285 8.21 19.52 -22.66
CA LEU B 285 8.42 19.80 -21.24
C LEU B 285 7.80 18.66 -20.45
N LEU B 286 8.64 17.85 -19.81
CA LEU B 286 8.17 16.72 -19.03
C LEU B 286 8.04 17.15 -17.58
N ALA B 287 6.87 16.94 -17.00
CA ALA B 287 6.58 17.37 -15.64
C ALA B 287 5.97 16.22 -14.86
N GLY B 288 6.56 15.90 -13.71
CA GLY B 288 5.96 14.93 -12.82
C GLY B 288 4.96 15.55 -11.88
N TYR B 289 3.90 14.80 -11.57
CA TYR B 289 2.77 15.33 -10.83
C TYR B 289 2.51 14.49 -9.60
N ASP B 290 1.66 15.05 -8.71
CA ASP B 290 1.27 14.34 -7.50
C ASP B 290 0.27 13.22 -7.79
N ASP B 291 -0.42 13.26 -8.93
CA ASP B 291 -1.42 12.27 -9.28
C ASP B 291 -0.81 10.98 -9.84
N PHE B 292 0.47 10.76 -9.58
CA PHE B 292 1.26 9.57 -9.88
C PHE B 292 1.67 9.51 -11.35
N ASN B 293 1.25 10.47 -12.17
CA ASN B 293 1.54 10.48 -13.60
C ASN B 293 2.59 11.52 -13.93
N CYS B 294 3.09 11.44 -15.17
CA CYS B 294 3.95 12.47 -15.72
C CYS B 294 3.31 12.97 -17.00
N ASN B 295 3.35 14.28 -17.23
CA ASN B 295 2.79 14.86 -18.44
C ASN B 295 3.89 15.43 -19.32
N VAL B 296 3.89 15.02 -20.57
CA VAL B 296 4.75 15.62 -21.59
C VAL B 296 3.93 16.70 -22.29
N TRP B 297 4.35 17.94 -22.11
CA TRP B 297 3.67 19.12 -22.63
C TRP B 297 4.36 19.60 -23.88
N ASP B 298 3.57 20.01 -24.87
CA ASP B 298 4.12 20.71 -26.03
C ASP B 298 4.55 22.09 -25.57
N ALA B 299 5.85 22.28 -25.36
CA ALA B 299 6.35 23.48 -24.70
C ALA B 299 5.98 24.75 -25.44
N LEU B 300 5.75 24.65 -26.76
CA LEU B 300 5.41 25.84 -27.53
C LEU B 300 3.90 26.03 -27.68
N LYS B 301 3.15 24.94 -27.81
CA LYS B 301 1.70 25.01 -27.97
C LYS B 301 0.94 24.90 -26.64
N ALA B 302 1.64 24.67 -25.53
CA ALA B 302 1.05 24.60 -24.20
C ALA B 302 0.00 23.50 -24.07
N ASP B 303 0.02 22.53 -24.96
CA ASP B 303 -0.89 21.39 -24.88
C ASP B 303 -0.18 20.19 -24.28
N ARG B 304 -0.95 19.29 -23.71
CA ARG B 304 -0.42 18.04 -23.17
C ARG B 304 -0.27 17.05 -24.32
N ALA B 305 0.97 16.76 -24.68
CA ALA B 305 1.27 15.91 -25.82
C ALA B 305 1.42 14.44 -25.46
N GLY B 306 1.54 14.11 -24.18
CA GLY B 306 1.67 12.71 -23.81
C GLY B 306 1.54 12.53 -22.32
N VAL B 307 1.31 11.28 -21.93
CA VAL B 307 1.19 10.90 -20.52
C VAL B 307 2.10 9.71 -20.26
N LEU B 308 3.07 9.88 -19.37
CA LEU B 308 3.87 8.78 -18.84
C LEU B 308 3.16 8.28 -17.57
N ALA B 309 2.33 7.28 -17.76
CA ALA B 309 1.60 6.65 -16.67
C ALA B 309 2.18 5.26 -16.40
N GLY B 310 2.10 4.85 -15.13
CA GLY B 310 2.63 3.56 -14.73
C GLY B 310 3.26 3.57 -13.36
N HIS B 311 3.61 4.76 -12.87
CA HIS B 311 4.11 4.89 -11.50
C HIS B 311 2.97 4.75 -10.51
N ASP B 312 3.17 3.93 -9.49
CA ASP B 312 2.13 3.64 -8.52
C ASP B 312 2.06 4.65 -7.39
N ASN B 313 2.95 5.63 -7.37
CA ASN B 313 2.94 6.66 -6.35
C ASN B 313 3.43 7.97 -6.96
N ARG B 314 3.57 8.99 -6.11
CA ARG B 314 3.93 10.32 -6.56
C ARG B 314 5.26 10.31 -7.30
N VAL B 315 5.28 10.90 -8.49
CA VAL B 315 6.50 11.04 -9.28
C VAL B 315 7.28 12.21 -8.70
N SER B 316 8.42 11.87 -8.10
CA SER B 316 9.24 12.88 -7.37
C SER B 316 10.34 13.48 -8.24
N CYS B 317 10.89 12.70 -9.17
CA CYS B 317 12.08 13.21 -9.88
C CYS B 317 12.01 12.93 -11.38
N LEU B 318 12.64 13.81 -12.16
CA LEU B 318 12.74 13.60 -13.59
C LEU B 318 14.17 13.86 -14.03
N GLY B 319 14.56 13.21 -15.13
CA GLY B 319 15.85 13.46 -15.73
C GLY B 319 15.87 13.08 -17.19
N VAL B 320 16.51 13.91 -18.02
CA VAL B 320 16.62 13.66 -19.44
C VAL B 320 18.10 13.54 -19.78
N THR B 321 18.45 12.49 -20.53
CA THR B 321 19.83 12.25 -20.92
C THR B 321 20.39 13.44 -21.68
N ASP B 322 21.71 13.59 -21.62
CA ASP B 322 22.37 14.69 -22.32
C ASP B 322 22.26 14.55 -23.83
N ASP B 323 22.06 13.33 -24.33
CA ASP B 323 21.81 13.11 -25.75
C ASP B 323 20.32 12.93 -26.07
N GLY B 324 19.45 13.06 -25.06
CA GLY B 324 18.02 13.03 -25.29
C GLY B 324 17.43 11.67 -25.59
N MET B 325 18.17 10.59 -25.34
CA MET B 325 17.70 9.27 -25.74
C MET B 325 16.58 8.75 -24.83
N ALA B 326 16.70 8.97 -23.52
CA ALA B 326 15.75 8.39 -22.58
C ALA B 326 15.37 9.40 -21.52
N VAL B 327 14.24 9.13 -20.86
CA VAL B 327 13.78 9.92 -19.73
C VAL B 327 13.69 8.99 -18.52
N ALA B 328 14.36 9.36 -17.44
CA ALA B 328 14.29 8.60 -16.20
C ALA B 328 13.35 9.31 -15.24
N THR B 329 12.38 8.58 -14.73
CA THR B 329 11.42 9.11 -13.77
C THR B 329 11.53 8.30 -12.48
N GLY B 330 11.79 8.99 -11.38
CA GLY B 330 11.67 8.38 -10.08
C GLY B 330 10.31 8.63 -9.48
N SER B 331 9.98 7.85 -8.46
CA SER B 331 8.64 7.95 -7.85
C SER B 331 8.68 7.48 -6.40
N TRP B 332 7.59 7.74 -5.67
CA TRP B 332 7.51 7.32 -4.25
C TRP B 332 7.17 5.82 -4.16
N ASP B 333 7.07 5.12 -5.30
CA ASP B 333 6.85 3.68 -5.29
C ASP B 333 8.14 2.88 -5.27
N SER B 334 9.28 3.57 -5.12
CA SER B 334 10.62 2.93 -4.99
C SER B 334 11.18 2.49 -6.34
N PHE B 335 10.62 2.96 -7.44
CA PHE B 335 11.12 2.43 -8.74
C PHE B 335 11.52 3.56 -9.68
N LEU B 336 12.57 3.31 -10.47
CA LEU B 336 12.95 4.30 -11.51
C LEU B 336 12.56 3.70 -12.84
N LYS B 337 11.85 4.44 -13.66
CA LYS B 337 11.38 4.02 -14.97
C LYS B 337 12.14 4.77 -16.06
N ILE B 338 12.76 4.02 -16.96
CA ILE B 338 13.44 4.57 -18.12
C ILE B 338 12.48 4.48 -19.30
N TRP B 339 12.24 5.61 -19.94
CA TRP B 339 11.22 5.79 -20.96
C TRP B 339 11.88 6.23 -22.27
N ASN B 340 11.28 5.81 -23.37
CA ASN B 340 11.69 6.29 -24.69
C ASN B 340 10.47 6.61 -25.55
N ALA C 3 17.18 43.99 12.09
CA ALA C 3 15.74 44.24 12.14
C ALA C 3 15.13 44.14 10.75
N SER C 4 13.86 44.55 10.63
CA SER C 4 13.18 44.51 9.35
C SER C 4 13.58 45.67 8.45
N ILE C 5 14.22 46.71 9.01
CA ILE C 5 14.65 47.84 8.19
C ILE C 5 15.71 47.41 7.19
N ALA C 6 16.67 46.59 7.62
CA ALA C 6 17.68 46.08 6.70
C ALA C 6 17.05 45.21 5.62
N GLN C 7 16.08 44.38 5.98
CA GLN C 7 15.39 43.55 5.00
C GLN C 7 14.66 44.41 3.97
N ALA C 8 13.98 45.46 4.43
CA ALA C 8 13.30 46.37 3.51
C ALA C 8 14.29 47.08 2.61
N ARG C 9 15.44 47.49 3.16
CA ARG C 9 16.48 48.14 2.35
C ARG C 9 16.98 47.19 1.26
N LYS C 10 17.23 45.93 1.63
CA LYS C 10 17.70 44.95 0.65
C LYS C 10 16.65 44.70 -0.42
N LEU C 11 15.38 44.60 -0.02
CA LEU C 11 14.31 44.40 -1.00
C LEU C 11 14.20 45.58 -1.96
N VAL C 12 14.31 46.80 -1.44
CA VAL C 12 14.22 47.98 -2.29
C VAL C 12 15.42 48.06 -3.22
N GLU C 13 16.62 47.72 -2.73
CA GLU C 13 17.79 47.70 -3.61
C GLU C 13 17.63 46.66 -4.72
N GLN C 14 17.12 45.48 -4.39
CA GLN C 14 16.90 44.45 -5.41
C GLN C 14 15.86 44.90 -6.43
N LEU C 15 14.79 45.55 -5.97
CA LEU C 15 13.78 46.06 -6.89
C LEU C 15 14.37 47.14 -7.80
N LYS C 16 15.21 48.01 -7.26
CA LYS C 16 15.88 49.01 -8.09
C LYS C 16 16.76 48.35 -9.14
N MET C 17 17.53 47.35 -8.74
CA MET C 17 18.42 46.67 -9.68
C MET C 17 17.62 45.97 -10.78
N GLU C 18 16.50 45.33 -10.41
CA GLU C 18 15.65 44.67 -11.39
C GLU C 18 14.93 45.67 -12.28
N ALA C 19 14.69 46.89 -11.80
CA ALA C 19 14.11 47.92 -12.66
C ALA C 19 15.13 48.50 -13.62
N ASN C 20 16.41 48.56 -13.22
CA ASN C 20 17.44 49.14 -14.06
C ASN C 20 17.79 48.27 -15.27
N ILE C 21 17.55 46.96 -15.19
CA ILE C 21 17.95 46.08 -16.29
C ILE C 21 17.04 46.29 -17.48
N ASP C 22 17.58 46.10 -18.68
CA ASP C 22 16.81 46.22 -19.90
C ASP C 22 16.19 44.88 -20.28
N ARG C 23 14.99 44.94 -20.84
CA ARG C 23 14.26 43.76 -21.26
C ARG C 23 14.01 43.81 -22.76
N ILE C 24 14.38 42.73 -23.45
CA ILE C 24 14.11 42.66 -24.88
C ILE C 24 12.63 42.38 -25.12
N LYS C 25 12.21 42.56 -26.37
CA LYS C 25 10.82 42.29 -26.73
C LYS C 25 10.50 40.81 -26.55
N VAL C 26 9.27 40.54 -26.11
CA VAL C 26 8.85 39.16 -25.89
C VAL C 26 8.83 38.39 -27.20
N SER C 27 8.44 39.07 -28.30
CA SER C 27 8.40 38.43 -29.60
C SER C 27 9.80 37.99 -30.03
N LYS C 28 10.82 38.81 -29.76
CA LYS C 28 12.19 38.44 -30.11
C LYS C 28 12.64 37.19 -29.38
N ALA C 29 12.35 37.11 -28.08
CA ALA C 29 12.72 35.92 -27.31
C ALA C 29 11.95 34.70 -27.79
N ALA C 30 10.66 34.86 -28.09
CA ALA C 30 9.89 33.73 -28.61
C ALA C 30 10.46 33.26 -29.94
N ALA C 31 10.88 34.19 -30.80
CA ALA C 31 11.54 33.82 -32.04
C ALA C 31 12.84 33.07 -31.78
N ASP C 32 13.59 33.49 -30.77
CA ASP C 32 14.83 32.80 -30.43
C ASP C 32 14.55 31.36 -29.99
N LEU C 33 13.56 31.16 -29.14
CA LEU C 33 13.22 29.79 -28.71
C LEU C 33 12.70 28.95 -29.87
N MET C 34 11.88 29.53 -30.76
CA MET C 34 11.42 28.75 -31.91
C MET C 34 12.59 28.38 -32.82
N ALA C 35 13.52 29.31 -33.03
CA ALA C 35 14.69 29.01 -33.84
C ALA C 35 15.52 27.90 -33.22
N TYR C 36 15.70 27.93 -31.90
CA TYR C 36 16.45 26.87 -31.24
C TYR C 36 15.74 25.53 -31.38
N CYS C 37 14.41 25.52 -31.19
CA CYS C 37 13.67 24.27 -31.27
C CYS C 37 13.71 23.69 -32.67
N GLU C 38 13.60 24.54 -33.70
CA GLU C 38 13.63 24.06 -35.07
C GLU C 38 15.04 23.61 -35.46
N ALA C 39 16.07 24.29 -34.95
CA ALA C 39 17.44 23.92 -35.28
C ALA C 39 17.91 22.67 -34.54
N HIS C 40 17.17 22.23 -33.52
CA HIS C 40 17.55 21.06 -32.74
C HIS C 40 16.45 19.99 -32.71
N ALA C 41 15.41 20.13 -33.54
CA ALA C 41 14.29 19.20 -33.49
C ALA C 41 14.72 17.78 -33.85
N LYS C 42 15.58 17.65 -34.86
CA LYS C 42 15.99 16.32 -35.33
C LYS C 42 17.01 15.66 -34.41
N GLU C 43 17.55 16.38 -33.43
CA GLU C 43 18.46 15.81 -32.45
C GLU C 43 17.74 15.26 -31.23
N ASP C 44 16.41 15.25 -31.24
CA ASP C 44 15.61 14.89 -30.08
C ASP C 44 14.96 13.53 -30.27
N PRO C 45 15.51 12.46 -29.71
CA PRO C 45 14.84 11.15 -29.81
C PRO C 45 13.45 11.13 -29.19
N LEU C 46 13.22 11.94 -28.16
CA LEU C 46 11.88 12.01 -27.57
C LEU C 46 10.89 12.67 -28.52
N LEU C 47 11.31 13.72 -29.21
CA LEU C 47 10.41 14.40 -30.15
C LEU C 47 10.15 13.56 -31.39
N THR C 48 11.20 12.98 -31.96
CA THR C 48 11.08 12.07 -33.10
C THR C 48 11.70 10.73 -32.74
N PRO C 49 10.98 9.63 -32.89
CA PRO C 49 11.49 8.34 -32.39
C PRO C 49 12.73 7.88 -33.15
N VAL C 50 13.57 7.14 -32.44
CA VAL C 50 14.77 6.54 -33.03
C VAL C 50 14.53 5.05 -33.24
N PRO C 51 15.14 4.45 -34.26
CA PRO C 51 14.94 3.01 -34.48
C PRO C 51 15.52 2.18 -33.35
N ALA C 52 14.98 0.96 -33.20
CA ALA C 52 15.42 0.08 -32.12
C ALA C 52 16.92 -0.17 -32.18
N SER C 53 17.49 -0.21 -33.38
CA SER C 53 18.94 -0.33 -33.50
C SER C 53 19.65 0.88 -32.92
N GLU C 54 19.14 2.09 -33.20
CA GLU C 54 19.70 3.29 -32.60
C GLU C 54 19.29 3.41 -31.13
N ASN C 55 18.11 2.93 -30.77
CA ASN C 55 17.62 3.02 -29.41
C ASN C 55 18.45 2.12 -28.49
N PRO C 56 19.11 2.68 -27.49
CA PRO C 56 19.93 1.84 -26.60
C PRO C 56 19.10 1.04 -25.60
N PHE C 57 17.86 1.45 -25.34
CA PHE C 57 16.98 0.76 -24.40
C PHE C 57 15.96 -0.11 -25.12
N ARG C 58 16.35 -0.71 -26.23
CA ARG C 58 15.47 -1.57 -27.02
C ARG C 58 14.98 -2.77 -26.21
N GLN D 1 2.50 38.24 -8.75
CA GLN D 1 2.91 38.01 -7.37
C GLN D 1 1.71 38.00 -6.43
N VAL D 2 1.70 37.06 -5.49
CA VAL D 2 0.59 36.97 -4.54
C VAL D 2 0.58 38.21 -3.65
N GLN D 3 -0.52 38.94 -3.67
CA GLN D 3 -0.66 40.18 -2.92
C GLN D 3 -1.90 40.12 -2.05
N LEU D 4 -1.73 40.44 -0.77
CA LEU D 4 -2.83 40.52 0.19
C LEU D 4 -2.68 41.83 0.95
N GLN D 5 -3.65 42.73 0.77
CA GLN D 5 -3.59 44.06 1.36
C GLN D 5 -4.72 44.22 2.37
N GLU D 6 -4.37 44.49 3.62
CA GLU D 6 -5.35 44.66 4.69
C GLU D 6 -5.63 46.13 4.93
N SER D 7 -6.88 46.43 5.27
CA SER D 7 -7.30 47.79 5.55
C SER D 7 -8.50 47.75 6.49
N GLY D 8 -8.90 48.92 6.95
CA GLY D 8 -10.01 49.06 7.87
C GLY D 8 -9.64 49.06 9.34
N GLY D 9 -8.36 48.85 9.66
CA GLY D 9 -7.94 48.87 11.05
C GLY D 9 -7.75 50.30 11.54
N GLY D 10 -8.32 50.60 12.71
CA GLY D 10 -8.21 51.94 13.27
C GLY D 10 -8.56 51.92 14.74
N LEU D 11 -8.41 53.09 15.36
CA LEU D 11 -8.71 53.23 16.78
C LEU D 11 -10.19 52.99 17.04
N VAL D 12 -10.50 52.35 18.17
CA VAL D 12 -11.87 52.02 18.51
C VAL D 12 -11.95 51.84 20.03
N GLN D 13 -13.07 52.25 20.60
CA GLN D 13 -13.30 52.04 22.03
C GLN D 13 -13.64 50.58 22.30
N PRO D 14 -13.41 50.10 23.52
CA PRO D 14 -13.79 48.72 23.87
C PRO D 14 -15.27 48.49 23.65
N GLY D 15 -15.61 47.32 23.15
CA GLY D 15 -16.99 46.99 22.82
C GLY D 15 -17.46 47.52 21.48
N GLY D 16 -16.58 48.16 20.71
CA GLY D 16 -16.97 48.75 19.44
C GLY D 16 -16.97 47.74 18.31
N SER D 17 -17.14 48.26 17.10
CA SER D 17 -17.19 47.47 15.88
C SER D 17 -16.17 47.97 14.88
N LEU D 18 -15.70 47.07 14.03
CA LEU D 18 -14.70 47.41 13.02
C LEU D 18 -14.66 46.32 11.97
N ARG D 19 -14.68 46.70 10.70
CA ARG D 19 -14.68 45.75 9.60
C ARG D 19 -13.32 45.79 8.91
N LEU D 20 -12.54 44.73 9.11
CA LEU D 20 -11.26 44.59 8.44
C LEU D 20 -11.48 43.99 7.06
N SER D 21 -10.91 44.62 6.04
CA SER D 21 -11.03 44.17 4.66
C SER D 21 -9.66 43.71 4.16
N CYS D 22 -9.70 42.73 3.25
CA CYS D 22 -8.50 42.12 2.69
C CYS D 22 -8.70 42.01 1.18
N ALA D 23 -7.94 42.79 0.43
CA ALA D 23 -7.95 42.73 -1.03
C ALA D 23 -6.88 41.72 -1.46
N ALA D 24 -7.31 40.72 -2.23
CA ALA D 24 -6.43 39.65 -2.69
C ALA D 24 -6.24 39.75 -4.19
N SER D 25 -5.00 39.60 -4.64
CA SER D 25 -4.69 39.62 -6.06
C SER D 25 -3.52 38.70 -6.33
N GLY D 26 -3.37 38.32 -7.59
CA GLY D 26 -2.30 37.43 -8.01
C GLY D 26 -2.58 35.95 -7.88
N PHE D 27 -3.81 35.57 -7.51
CA PHE D 27 -4.16 34.16 -7.41
C PHE D 27 -5.68 34.04 -7.47
N THR D 28 -6.15 32.82 -7.71
CA THR D 28 -7.58 32.53 -7.74
C THR D 28 -8.09 32.46 -6.31
N PHE D 29 -8.87 33.47 -5.92
CA PHE D 29 -9.31 33.60 -4.53
C PHE D 29 -10.15 32.40 -4.10
N SER D 30 -11.06 31.95 -4.97
CA SER D 30 -11.98 30.89 -4.59
C SER D 30 -11.30 29.53 -4.41
N ASN D 31 -10.04 29.39 -4.82
CA ASN D 31 -9.34 28.11 -4.74
C ASN D 31 -8.60 27.93 -3.42
N TYR D 32 -8.48 28.96 -2.60
CA TYR D 32 -7.63 28.93 -1.42
C TYR D 32 -8.45 29.19 -0.16
N LYS D 33 -8.22 28.37 0.86
CA LYS D 33 -8.75 28.65 2.18
C LYS D 33 -8.03 29.86 2.78
N MET D 34 -8.78 30.73 3.44
CA MET D 34 -8.26 32.01 3.91
C MET D 34 -8.20 32.03 5.43
N ASN D 35 -7.30 32.86 5.97
CA ASN D 35 -7.09 32.93 7.41
C ASN D 35 -6.90 34.39 7.83
N TRP D 36 -7.26 34.65 9.08
CA TRP D 36 -6.93 35.89 9.78
C TRP D 36 -6.09 35.53 11.00
N VAL D 37 -4.90 36.12 11.09
CA VAL D 37 -3.98 35.86 12.19
C VAL D 37 -3.44 37.20 12.71
N ARG D 38 -3.40 37.37 14.02
CA ARG D 38 -2.93 38.63 14.58
C ARG D 38 -1.61 38.43 15.31
N GLN D 39 -0.89 39.54 15.49
CA GLN D 39 0.35 39.59 16.27
C GLN D 39 0.23 40.74 17.27
N ALA D 40 -0.20 40.41 18.49
CA ALA D 40 -0.26 41.39 19.55
C ALA D 40 1.16 41.78 19.98
N PRO D 41 1.34 43.02 20.44
CA PRO D 41 2.68 43.47 20.84
C PRO D 41 3.26 42.58 21.94
N GLY D 42 4.54 42.25 21.78
CA GLY D 42 5.21 41.37 22.72
C GLY D 42 4.87 39.90 22.58
N LYS D 43 4.08 39.53 21.57
CA LYS D 43 3.63 38.16 21.39
C LYS D 43 3.92 37.70 19.96
N GLY D 44 4.02 36.39 19.80
CA GLY D 44 4.17 35.82 18.47
C GLY D 44 2.87 35.82 17.72
N LEU D 45 2.93 35.30 16.49
CA LEU D 45 1.74 35.25 15.65
C LEU D 45 0.70 34.30 16.22
N GLU D 46 -0.54 34.79 16.30
CA GLU D 46 -1.66 34.03 16.82
C GLU D 46 -2.68 33.81 15.71
N TRP D 47 -3.16 32.58 15.59
CA TRP D 47 -4.21 32.26 14.65
C TRP D 47 -5.57 32.62 15.23
N VAL D 48 -6.37 33.36 14.47
CA VAL D 48 -7.71 33.75 14.91
C VAL D 48 -8.77 32.95 14.18
N SER D 49 -8.84 33.10 12.86
CA SER D 49 -9.99 32.54 12.16
C SER D 49 -9.56 31.99 10.81
N ASP D 50 -10.37 31.08 10.29
CA ASP D 50 -10.17 30.54 8.96
C ASP D 50 -11.53 30.29 8.30
N ILE D 51 -11.54 30.36 6.98
CA ILE D 51 -12.75 30.13 6.19
C ILE D 51 -12.37 29.34 4.95
N SER D 52 -13.23 28.38 4.59
CA SER D 52 -12.94 27.46 3.50
C SER D 52 -12.98 28.15 2.15
N GLN D 53 -12.74 27.39 1.07
CA GLN D 53 -12.69 27.98 -0.26
C GLN D 53 -14.02 28.61 -0.65
N SER D 54 -15.12 27.91 -0.36
CA SER D 54 -16.44 28.41 -0.71
C SER D 54 -17.05 29.28 0.38
N GLY D 55 -16.62 29.10 1.63
CA GLY D 55 -17.21 29.79 2.75
C GLY D 55 -18.16 28.96 3.58
N ALA D 56 -18.35 27.69 3.23
CA ALA D 56 -19.24 26.83 4.01
C ALA D 56 -18.64 26.50 5.37
N SER D 57 -17.36 26.14 5.40
CA SER D 57 -16.68 25.76 6.64
C SER D 57 -15.96 26.98 7.21
N ILE D 58 -16.19 27.25 8.48
CA ILE D 58 -15.64 28.41 9.17
C ILE D 58 -15.17 27.98 10.55
N SER D 59 -14.01 28.49 10.96
CA SER D 59 -13.50 28.21 12.30
C SER D 59 -12.94 29.49 12.90
N TYR D 60 -13.00 29.57 14.22
CA TYR D 60 -12.48 30.71 14.98
C TYR D 60 -11.60 30.22 16.10
N THR D 61 -10.75 31.11 16.61
CA THR D 61 -10.13 30.90 17.90
C THR D 61 -11.15 31.22 18.99
N GLY D 62 -11.00 30.56 20.14
CA GLY D 62 -12.02 30.66 21.17
C GLY D 62 -12.24 32.08 21.68
N SER D 63 -11.17 32.87 21.74
CA SER D 63 -11.28 34.21 22.30
C SER D 63 -12.16 35.13 21.48
N VAL D 64 -12.37 34.84 20.21
CA VAL D 64 -13.18 35.68 19.33
C VAL D 64 -14.50 35.04 18.96
N LYS D 65 -14.78 33.82 19.45
CA LYS D 65 -16.04 33.16 19.14
C LYS D 65 -17.21 33.98 19.67
N GLY D 66 -18.21 34.17 18.83
CA GLY D 66 -19.37 34.98 19.18
C GLY D 66 -19.14 36.47 19.11
N ARG D 67 -17.93 36.92 18.77
CA ARG D 67 -17.62 38.34 18.64
C ARG D 67 -17.25 38.73 17.23
N PHE D 68 -16.30 38.04 16.61
CA PHE D 68 -15.86 38.33 15.26
C PHE D 68 -16.55 37.39 14.28
N THR D 69 -16.65 37.83 13.03
CA THR D 69 -17.26 37.05 11.97
C THR D 69 -16.39 37.14 10.73
N ILE D 70 -15.82 36.03 10.31
CA ILE D 70 -15.05 35.99 9.07
C ILE D 70 -15.98 35.70 7.91
N SER D 71 -15.69 36.29 6.75
CA SER D 71 -16.49 36.07 5.56
C SER D 71 -15.61 36.29 4.34
N ARG D 72 -16.02 35.74 3.21
CA ARG D 72 -15.28 35.89 1.96
C ARG D 72 -16.24 36.23 0.84
N ASP D 73 -15.78 37.05 -0.10
CA ASP D 73 -16.50 37.37 -1.33
C ASP D 73 -15.58 36.97 -2.47
N ASN D 74 -15.83 35.78 -3.03
CA ASN D 74 -15.00 35.27 -4.10
C ASN D 74 -15.12 36.13 -5.35
N ALA D 75 -16.33 36.61 -5.65
CA ALA D 75 -16.54 37.45 -6.83
C ALA D 75 -15.72 38.73 -6.77
N LYS D 76 -15.55 39.30 -5.57
CA LYS D 76 -14.72 40.47 -5.38
C LYS D 76 -13.31 40.12 -4.93
N ASN D 77 -13.00 38.83 -4.82
CA ASN D 77 -11.67 38.36 -4.42
C ASN D 77 -11.22 39.01 -3.12
N THR D 78 -12.14 39.08 -2.15
CA THR D 78 -11.86 39.83 -0.93
C THR D 78 -12.28 39.02 0.30
N LEU D 79 -11.66 39.35 1.42
CA LEU D 79 -11.94 38.73 2.70
C LEU D 79 -12.35 39.80 3.70
N TYR D 80 -13.24 39.46 4.63
CA TYR D 80 -13.71 40.41 5.63
C TYR D 80 -13.70 39.78 7.02
N LEU D 81 -13.45 40.63 8.02
CA LEU D 81 -13.54 40.25 9.42
C LEU D 81 -14.34 41.34 10.13
N GLN D 82 -15.60 41.04 10.45
CA GLN D 82 -16.39 41.91 11.30
C GLN D 82 -15.98 41.73 12.74
N MET D 83 -15.86 42.84 13.47
CA MET D 83 -15.33 42.84 14.82
C MET D 83 -16.32 43.56 15.75
N ASN D 84 -16.89 42.79 16.67
CA ASN D 84 -17.87 43.30 17.61
C ASN D 84 -17.47 42.91 19.03
N SER D 85 -18.01 43.64 20.00
CA SER D 85 -17.70 43.42 21.42
C SER D 85 -16.20 43.46 21.65
N LEU D 86 -15.56 44.50 21.10
CA LEU D 86 -14.11 44.57 21.11
C LEU D 86 -13.57 44.73 22.52
N LYS D 87 -12.38 44.17 22.73
CA LYS D 87 -11.67 44.20 24.00
C LYS D 87 -10.26 44.72 23.76
N PRO D 88 -9.63 45.31 24.78
CA PRO D 88 -8.27 45.85 24.59
C PRO D 88 -7.26 44.81 24.13
N GLU D 89 -7.43 43.54 24.49
CA GLU D 89 -6.48 42.51 24.09
C GLU D 89 -6.52 42.23 22.59
N ASP D 90 -7.51 42.75 21.87
CA ASP D 90 -7.57 42.59 20.42
C ASP D 90 -6.71 43.58 19.66
N THR D 91 -6.06 44.51 20.36
CA THR D 91 -5.17 45.48 19.72
C THR D 91 -3.95 44.74 19.16
N ALA D 92 -3.86 44.65 17.84
CA ALA D 92 -2.78 43.91 17.22
C ALA D 92 -2.68 44.27 15.75
N VAL D 93 -1.62 43.77 15.12
CA VAL D 93 -1.51 43.79 13.67
C VAL D 93 -2.23 42.55 13.14
N TYR D 94 -3.20 42.76 12.26
CA TYR D 94 -3.98 41.69 11.68
C TYR D 94 -3.44 41.39 10.28
N TYR D 95 -2.99 40.16 10.08
CA TYR D 95 -2.48 39.68 8.81
C TYR D 95 -3.55 38.80 8.16
N CYS D 96 -3.88 39.13 6.92
CA CYS D 96 -4.71 38.30 6.06
C CYS D 96 -3.80 37.26 5.42
N ALA D 97 -3.92 36.01 5.87
CA ALA D 97 -3.04 34.95 5.41
C ALA D 97 -3.79 34.02 4.45
N ARG D 98 -3.02 33.42 3.55
CA ARG D 98 -3.54 32.46 2.58
C ARG D 98 -2.91 31.11 2.84
N CYS D 99 -3.70 30.06 2.70
CA CYS D 99 -3.15 28.71 2.85
C CYS D 99 -2.24 28.41 1.66
N PRO D 100 -1.12 27.72 1.87
CA PRO D 100 -0.08 27.67 0.84
C PRO D 100 -0.50 27.06 -0.48
N ALA D 101 -1.38 26.07 -0.47
CA ALA D 101 -1.71 25.36 -1.69
C ALA D 101 -3.22 25.36 -1.93
N PRO D 102 -3.65 25.32 -3.19
CA PRO D 102 -5.07 25.28 -3.48
C PRO D 102 -5.61 23.86 -3.50
N PHE D 103 -6.92 23.76 -3.28
CA PHE D 103 -7.65 22.48 -3.27
C PHE D 103 -7.14 21.52 -2.21
N THR D 104 -6.63 22.05 -1.10
CA THR D 104 -6.09 21.23 -0.02
C THR D 104 -6.84 21.50 1.27
N ARG D 105 -6.87 20.49 2.14
CA ARG D 105 -7.51 20.60 3.45
C ARG D 105 -6.53 20.95 4.56
N ASP D 106 -5.23 20.96 4.28
CA ASP D 106 -4.23 21.39 5.25
C ASP D 106 -3.82 22.82 4.95
N CYS D 107 -3.46 23.55 6.00
CA CYS D 107 -3.14 24.96 5.88
C CYS D 107 -1.87 25.29 6.66
N PHE D 108 -0.82 24.48 6.43
CA PHE D 108 0.47 24.67 7.10
C PHE D 108 0.97 26.11 7.00
N ASP D 109 1.61 26.55 8.09
CA ASP D 109 2.60 27.62 8.13
C ASP D 109 2.06 29.04 8.04
N VAL D 110 0.74 29.26 8.08
CA VAL D 110 0.23 30.62 7.96
C VAL D 110 0.61 31.48 9.16
N THR D 111 0.97 30.87 10.28
CA THR D 111 1.44 31.59 11.46
C THR D 111 2.96 31.59 11.57
N SER D 112 3.67 31.19 10.52
CA SER D 112 5.12 31.14 10.56
C SER D 112 5.70 32.55 10.54
N THR D 113 6.94 32.66 11.02
CA THR D 113 7.58 33.96 11.15
C THR D 113 7.73 34.65 9.80
N THR D 114 8.15 33.91 8.78
CA THR D 114 8.44 34.46 7.45
C THR D 114 7.57 33.81 6.39
N TYR D 115 6.29 33.64 6.68
CA TYR D 115 5.36 33.09 5.70
C TYR D 115 5.22 34.03 4.51
N ALA D 116 5.12 33.44 3.32
CA ALA D 116 5.16 34.24 2.09
C ALA D 116 3.80 34.77 1.71
N TYR D 117 2.78 33.92 1.68
CA TYR D 117 1.45 34.30 1.22
C TYR D 117 0.65 34.97 2.34
N ARG D 118 1.25 35.99 2.94
CA ARG D 118 0.64 36.73 4.03
C ARG D 118 0.79 38.22 3.78
N GLY D 119 -0.22 38.99 4.14
CA GLY D 119 -0.18 40.42 3.94
C GLY D 119 0.70 41.11 4.97
N GLN D 120 0.82 42.43 4.81
CA GLN D 120 1.59 43.22 5.75
C GLN D 120 0.83 43.56 7.02
N GLY D 121 -0.48 43.35 7.03
CA GLY D 121 -1.28 43.54 8.22
C GLY D 121 -1.76 44.97 8.39
N THR D 122 -2.77 45.11 9.25
CA THR D 122 -3.33 46.42 9.59
C THR D 122 -3.43 46.54 11.10
N GLN D 123 -3.24 47.75 11.62
CA GLN D 123 -3.26 47.98 13.05
C GLN D 123 -4.67 48.19 13.56
N VAL D 124 -5.06 47.40 14.56
CA VAL D 124 -6.33 47.58 15.26
C VAL D 124 -5.99 47.91 16.71
N THR D 125 -6.37 49.10 17.16
CA THR D 125 -6.07 49.58 18.50
C THR D 125 -7.38 49.78 19.25
N VAL D 126 -7.54 49.08 20.36
CA VAL D 126 -8.78 49.15 21.13
C VAL D 126 -8.56 49.95 22.42
N SER E 1 -15.21 -36.81 9.92
CA SER E 1 -14.17 -37.35 9.05
C SER E 1 -14.03 -36.50 7.79
N VAL E 2 -12.97 -36.73 7.03
CA VAL E 2 -12.80 -36.03 5.76
C VAL E 2 -13.88 -36.53 4.80
N SER E 3 -14.75 -35.60 4.37
CA SER E 3 -15.96 -35.99 3.66
C SER E 3 -15.66 -36.64 2.32
N GLU E 4 -14.70 -36.10 1.57
CA GLU E 4 -14.44 -36.63 0.23
C GLU E 4 -13.77 -37.98 0.27
N ILE E 5 -12.81 -38.17 1.19
CA ILE E 5 -12.19 -39.48 1.35
C ILE E 5 -13.22 -40.52 1.78
N GLN E 6 -14.08 -40.14 2.73
CA GLN E 6 -15.15 -41.05 3.17
C GLN E 6 -16.11 -41.36 2.05
N LEU E 7 -16.44 -40.36 1.23
CA LEU E 7 -17.32 -40.60 0.07
C LEU E 7 -16.68 -41.55 -0.92
N MET E 8 -15.38 -41.41 -1.17
CA MET E 8 -14.70 -42.31 -2.09
C MET E 8 -14.66 -43.73 -1.52
N HIS E 9 -14.42 -43.86 -0.20
CA HIS E 9 -14.47 -45.16 0.44
C HIS E 9 -15.85 -45.80 0.32
N ASN E 10 -16.90 -45.02 0.59
CA ASN E 10 -18.26 -45.55 0.55
C ASN E 10 -18.67 -45.91 -0.87
N LEU E 11 -18.28 -45.11 -1.85
CA LEU E 11 -18.57 -45.44 -3.24
C LEU E 11 -17.86 -46.71 -3.67
N GLY E 12 -16.60 -46.88 -3.26
CA GLY E 12 -15.90 -48.12 -3.57
C GLY E 12 -16.56 -49.33 -2.93
N LYS E 13 -16.94 -49.21 -1.67
CA LYS E 13 -17.62 -50.32 -0.99
C LYS E 13 -18.95 -50.64 -1.67
N HIS E 14 -19.71 -49.60 -2.04
CA HIS E 14 -20.99 -49.81 -2.71
C HIS E 14 -20.80 -50.49 -4.06
N LEU E 15 -19.79 -50.06 -4.82
CA LEU E 15 -19.55 -50.68 -6.12
C LEU E 15 -19.11 -52.13 -5.96
N ASN E 16 -18.29 -52.43 -4.96
CA ASN E 16 -17.88 -53.80 -4.71
C ASN E 16 -19.09 -54.67 -4.33
N SER E 17 -19.96 -54.14 -3.48
CA SER E 17 -21.17 -54.87 -3.11
C SER E 17 -22.09 -55.08 -4.30
N MET E 18 -22.22 -54.07 -5.16
CA MET E 18 -23.06 -54.21 -6.35
C MET E 18 -22.50 -55.24 -7.32
N GLU E 19 -21.17 -55.26 -7.49
CA GLU E 19 -20.55 -56.28 -8.32
C GLU E 19 -20.77 -57.68 -7.75
N ARG E 20 -20.64 -57.80 -6.42
CA ARG E 20 -20.90 -59.08 -5.76
C ARG E 20 -22.34 -59.53 -5.97
N VAL E 21 -23.29 -58.61 -5.81
CA VAL E 21 -24.71 -58.94 -5.99
C VAL E 21 -24.99 -59.33 -7.44
N GLU E 22 -24.41 -58.61 -8.40
CA GLU E 22 -24.60 -58.94 -9.80
C GLU E 22 -24.02 -60.31 -10.12
N TRP E 23 -22.85 -60.63 -9.57
CA TRP E 23 -22.27 -61.95 -9.79
C TRP E 23 -23.15 -63.05 -9.18
N LEU E 24 -23.69 -62.81 -7.98
CA LEU E 24 -24.56 -63.80 -7.37
C LEU E 24 -25.83 -64.01 -8.18
N ARG E 25 -26.43 -62.91 -8.67
CA ARG E 25 -27.64 -63.02 -9.47
C ARG E 25 -27.35 -63.72 -10.81
N LYS E 26 -26.19 -63.44 -11.40
CA LYS E 26 -25.81 -64.15 -12.62
C LYS E 26 -25.65 -65.64 -12.37
N LYS E 27 -25.03 -66.01 -11.25
CA LYS E 27 -24.90 -67.41 -10.89
C LYS E 27 -26.28 -68.06 -10.72
N LEU E 28 -27.19 -67.35 -10.03
CA LEU E 28 -28.53 -67.88 -9.83
C LEU E 28 -29.26 -68.08 -11.15
N GLN E 29 -29.15 -67.12 -12.05
CA GLN E 29 -29.83 -67.24 -13.35
C GLN E 29 -29.22 -68.36 -14.19
N ASP E 30 -27.89 -68.48 -14.19
CA ASP E 30 -27.25 -69.53 -14.96
C ASP E 30 -27.60 -70.91 -14.43
N VAL E 31 -27.61 -71.07 -13.10
CA VAL E 31 -28.01 -72.35 -12.53
C VAL E 31 -29.51 -72.59 -12.74
N HIS E 32 -30.33 -71.57 -12.50
CA HIS E 32 -31.78 -71.70 -12.68
C HIS E 32 -32.42 -70.33 -12.86
N VAL F 35 -14.50 -54.59 3.82
CA VAL F 35 -15.39 -55.74 4.00
C VAL F 35 -14.92 -56.93 3.17
N MET F 36 -15.81 -57.46 2.36
CA MET F 36 -15.53 -58.64 1.53
C MET F 36 -15.44 -58.27 0.06
N THR F 37 -14.44 -58.85 -0.62
CA THR F 37 -14.22 -58.63 -2.03
C THR F 37 -14.89 -59.74 -2.83
N LYS F 38 -15.05 -59.51 -4.14
CA LYS F 38 -15.65 -60.53 -5.00
C LYS F 38 -14.72 -61.73 -5.14
N GLU F 39 -13.42 -61.48 -5.26
CA GLU F 39 -12.45 -62.56 -5.39
C GLU F 39 -12.44 -63.44 -4.14
N GLU F 40 -12.55 -62.84 -2.96
CA GLU F 40 -12.60 -63.62 -1.72
C GLU F 40 -13.86 -64.48 -1.68
N GLN F 41 -15.00 -63.95 -2.12
CA GLN F 41 -16.22 -64.74 -2.16
C GLN F 41 -16.10 -65.89 -3.16
N ILE F 42 -15.42 -65.65 -4.29
CA ILE F 42 -15.19 -66.72 -5.26
C ILE F 42 -14.29 -67.80 -4.67
N PHE F 43 -13.26 -67.38 -3.92
CA PHE F 43 -12.39 -68.34 -3.25
C PHE F 43 -13.17 -69.16 -2.22
N LEU F 44 -14.07 -68.51 -1.48
CA LEU F 44 -14.91 -69.23 -0.54
C LEU F 44 -15.84 -70.22 -1.25
N LEU F 45 -16.37 -69.82 -2.41
CA LEU F 45 -17.18 -70.73 -3.21
C LEU F 45 -16.37 -71.93 -3.66
N HIS F 46 -15.13 -71.70 -4.08
CA HIS F 46 -14.25 -72.82 -4.46
C HIS F 46 -13.97 -73.73 -3.26
N ARG F 47 -13.79 -73.14 -2.08
CA ARG F 47 -13.59 -73.94 -0.87
C ARG F 47 -14.81 -74.80 -0.58
N ALA F 48 -16.01 -74.23 -0.71
CA ALA F 48 -17.23 -74.99 -0.50
C ALA F 48 -17.37 -76.10 -1.54
N GLN F 49 -17.00 -75.81 -2.79
CA GLN F 49 -17.03 -76.83 -3.83
C GLN F 49 -16.08 -77.98 -3.51
N ALA F 50 -14.88 -77.66 -3.03
CA ALA F 50 -13.93 -78.70 -2.64
C ALA F 50 -14.46 -79.52 -1.47
N GLN F 51 -15.10 -78.86 -0.51
CA GLN F 51 -15.67 -79.58 0.63
C GLN F 51 -16.78 -80.52 0.16
N CYS F 52 -17.65 -80.06 -0.74
CA CYS F 52 -18.71 -80.92 -1.26
C CYS F 52 -18.13 -82.08 -2.06
N GLU F 53 -17.08 -81.83 -2.84
CA GLU F 53 -16.44 -82.91 -3.59
C GLU F 53 -15.85 -83.95 -2.65
N LYS F 54 -15.21 -83.51 -1.57
CA LYS F 54 -14.68 -84.44 -0.58
C LYS F 54 -15.80 -85.23 0.08
N ARG F 55 -16.92 -84.57 0.36
CA ARG F 55 -18.07 -85.25 0.96
C ARG F 55 -18.63 -86.31 0.01
N LEU F 56 -18.67 -86.02 -1.28
CA LEU F 56 -19.17 -86.98 -2.26
C LEU F 56 -18.30 -88.24 -2.30
N LYS F 57 -16.99 -88.07 -2.26
CA LYS F 57 -16.07 -89.21 -2.30
C LYS F 57 -16.06 -89.94 -0.96
N GLY F 109 -38.59 -95.43 -3.65
CA GLY F 109 -37.90 -96.14 -2.60
C GLY F 109 -36.39 -95.94 -2.64
N ARG F 110 -35.88 -95.54 -3.79
CA ARG F 110 -34.44 -95.33 -3.96
C ARG F 110 -34.13 -93.87 -3.68
N PRO F 111 -33.30 -93.57 -2.67
CA PRO F 111 -32.97 -92.17 -2.38
C PRO F 111 -32.16 -91.54 -3.51
N CYS F 112 -32.35 -90.24 -3.69
CA CYS F 112 -31.61 -89.50 -4.70
C CYS F 112 -30.15 -89.36 -4.29
N LEU F 113 -29.25 -89.50 -5.27
CA LEU F 113 -27.83 -89.38 -5.02
C LEU F 113 -27.44 -87.92 -4.80
N PRO F 114 -26.46 -87.66 -3.93
CA PRO F 114 -26.04 -86.28 -3.70
C PRO F 114 -25.37 -85.69 -4.94
N GLU F 115 -25.50 -84.37 -5.07
CA GLU F 115 -24.96 -83.66 -6.24
C GLU F 115 -24.50 -82.27 -5.82
N TRP F 116 -23.67 -81.68 -6.66
CA TRP F 116 -23.18 -80.32 -6.48
C TRP F 116 -23.62 -79.47 -7.65
N ASP F 117 -24.38 -78.42 -7.39
CA ASP F 117 -24.92 -77.55 -8.42
C ASP F 117 -24.29 -76.15 -8.39
N HIS F 118 -23.07 -76.04 -7.87
CA HIS F 118 -22.31 -74.80 -7.72
C HIS F 118 -22.95 -73.83 -6.73
N ILE F 119 -24.03 -74.21 -6.06
CA ILE F 119 -24.68 -73.38 -5.07
C ILE F 119 -24.79 -74.07 -3.72
N LEU F 120 -25.29 -75.31 -3.70
CA LEU F 120 -25.49 -76.05 -2.46
C LEU F 120 -25.05 -77.50 -2.65
N CYS F 121 -24.64 -78.11 -1.55
CA CYS F 121 -24.30 -79.53 -1.51
C CYS F 121 -25.48 -80.27 -0.89
N TRP F 122 -26.27 -80.93 -1.74
CA TRP F 122 -27.51 -81.57 -1.29
C TRP F 122 -27.24 -83.00 -0.87
N PRO F 123 -27.61 -83.38 0.35
CA PRO F 123 -27.40 -84.77 0.78
C PRO F 123 -28.41 -85.74 0.18
N LEU F 124 -28.38 -86.99 0.62
CA LEU F 124 -29.33 -87.98 0.13
C LEU F 124 -30.76 -87.54 0.42
N GLY F 125 -31.61 -87.65 -0.59
CA GLY F 125 -32.99 -87.17 -0.50
C GLY F 125 -33.98 -88.31 -0.30
N ALA F 126 -35.08 -88.00 0.38
CA ALA F 126 -36.13 -88.98 0.57
C ALA F 126 -36.82 -89.28 -0.75
N PRO F 127 -37.27 -90.52 -0.96
CA PRO F 127 -37.94 -90.85 -2.22
C PRO F 127 -39.29 -90.14 -2.34
N GLY F 128 -39.44 -89.36 -3.41
CA GLY F 128 -40.69 -88.67 -3.67
C GLY F 128 -41.06 -87.64 -2.62
N GLU F 129 -40.06 -86.98 -2.02
CA GLU F 129 -40.31 -85.99 -0.99
C GLU F 129 -39.41 -84.79 -1.22
N VAL F 130 -39.87 -83.63 -0.75
CA VAL F 130 -39.09 -82.40 -0.89
C VAL F 130 -37.97 -82.40 0.16
N VAL F 131 -36.75 -82.12 -0.29
CA VAL F 131 -35.58 -82.09 0.56
C VAL F 131 -35.18 -80.64 0.78
N ALA F 132 -35.12 -80.22 2.03
CA ALA F 132 -34.81 -78.85 2.41
C ALA F 132 -33.41 -78.77 2.99
N VAL F 133 -32.63 -77.81 2.52
CA VAL F 133 -31.28 -77.59 3.01
C VAL F 133 -31.14 -76.11 3.38
N PRO F 134 -30.56 -75.78 4.54
CA PRO F 134 -30.44 -74.37 4.93
C PRO F 134 -29.60 -73.59 3.94
N CYS F 135 -29.91 -72.30 3.83
CA CYS F 135 -29.16 -71.44 2.93
C CYS F 135 -27.69 -71.40 3.36
N PRO F 136 -26.75 -71.43 2.42
CA PRO F 136 -25.35 -71.60 2.80
C PRO F 136 -24.82 -70.42 3.62
N ASP F 137 -23.88 -70.73 4.50
CA ASP F 137 -23.27 -69.71 5.37
C ASP F 137 -22.07 -69.04 4.73
N TYR F 138 -21.60 -69.50 3.58
CA TYR F 138 -20.50 -68.88 2.87
C TYR F 138 -20.95 -67.85 1.85
N ILE F 139 -22.26 -67.61 1.73
CA ILE F 139 -22.80 -66.54 0.92
C ILE F 139 -23.50 -65.55 1.85
N TYR F 140 -23.05 -64.29 1.81
CA TYR F 140 -23.58 -63.30 2.73
C TYR F 140 -25.01 -62.91 2.38
N ASP F 141 -25.30 -62.71 1.09
CA ASP F 141 -26.59 -62.19 0.67
C ASP F 141 -27.71 -63.22 0.79
N PHE F 142 -27.39 -64.48 1.04
CA PHE F 142 -28.44 -65.48 1.26
C PHE F 142 -28.95 -65.42 2.69
N ASN F 143 -30.27 -65.50 2.84
CA ASN F 143 -30.91 -65.44 4.16
C ASN F 143 -30.64 -66.74 4.91
N HIS F 144 -29.71 -66.70 5.85
CA HIS F 144 -29.33 -67.91 6.58
C HIS F 144 -30.49 -68.47 7.38
N LYS F 145 -31.47 -67.63 7.74
CA LYS F 145 -32.65 -68.11 8.45
C LYS F 145 -33.53 -68.98 7.56
N GLY F 146 -33.53 -68.73 6.24
CA GLY F 146 -34.32 -69.53 5.32
C GLY F 146 -33.59 -70.77 4.86
N HIS F 147 -34.28 -71.56 4.04
CA HIS F 147 -33.74 -72.80 3.50
C HIS F 147 -34.27 -73.02 2.09
N ALA F 148 -33.39 -73.51 1.22
CA ALA F 148 -33.79 -73.87 -0.13
C ALA F 148 -34.36 -75.28 -0.16
N TYR F 149 -35.07 -75.59 -1.24
CA TYR F 149 -35.74 -76.87 -1.38
C TYR F 149 -35.48 -77.45 -2.76
N ARG F 150 -35.44 -78.78 -2.83
CA ARG F 150 -35.31 -79.51 -4.09
C ARG F 150 -36.29 -80.67 -4.09
N ARG F 151 -36.68 -81.12 -5.27
CA ARG F 151 -37.61 -82.23 -5.43
C ARG F 151 -36.87 -83.46 -5.95
N CYS F 152 -37.25 -84.62 -5.44
CA CYS F 152 -36.65 -85.89 -5.83
C CYS F 152 -37.75 -86.89 -6.18
N ASP F 153 -37.43 -87.79 -7.09
CA ASP F 153 -38.39 -88.77 -7.58
C ASP F 153 -38.35 -90.02 -6.70
N ARG F 154 -39.03 -91.08 -7.13
CA ARG F 154 -39.06 -92.32 -6.38
C ARG F 154 -38.02 -93.33 -6.84
N ASN F 155 -37.61 -93.27 -8.11
CA ASN F 155 -36.62 -94.20 -8.63
C ASN F 155 -35.19 -93.81 -8.32
N GLY F 156 -34.96 -92.62 -7.76
CA GLY F 156 -33.63 -92.17 -7.41
C GLY F 156 -33.03 -91.13 -8.32
N SER F 157 -33.85 -90.32 -8.99
CA SER F 157 -33.37 -89.28 -9.90
C SER F 157 -33.95 -87.94 -9.49
N TRP F 158 -33.12 -86.90 -9.52
CA TRP F 158 -33.57 -85.56 -9.17
C TRP F 158 -34.61 -85.06 -10.16
N GLU F 159 -35.60 -84.35 -9.65
CA GLU F 159 -36.67 -83.83 -10.50
C GLU F 159 -36.14 -82.76 -11.44
N LEU F 160 -36.57 -82.83 -12.69
CA LEU F 160 -36.21 -81.84 -13.71
C LEU F 160 -37.33 -80.82 -13.85
N VAL F 161 -36.96 -79.63 -14.32
CA VAL F 161 -37.96 -78.58 -14.51
C VAL F 161 -38.93 -79.00 -15.60
N PRO F 162 -40.22 -78.70 -15.50
CA PRO F 162 -41.17 -79.09 -16.55
C PRO F 162 -40.86 -78.39 -17.87
N GLY F 163 -40.61 -79.19 -18.90
CA GLY F 163 -40.30 -78.67 -20.21
C GLY F 163 -38.88 -78.17 -20.40
N HIS F 164 -38.00 -78.40 -19.43
CA HIS F 164 -36.62 -77.94 -19.53
C HIS F 164 -35.70 -79.04 -19.00
N ASN F 165 -34.46 -79.02 -19.49
CA ASN F 165 -33.46 -79.99 -19.05
C ASN F 165 -32.89 -79.66 -17.67
N ARG F 166 -33.12 -78.45 -17.17
CA ARG F 166 -32.62 -78.08 -15.86
C ARG F 166 -33.31 -78.87 -14.76
N THR F 167 -32.55 -79.26 -13.76
CA THR F 167 -33.14 -79.93 -12.59
C THR F 167 -33.97 -78.93 -11.80
N TRP F 168 -35.05 -79.43 -11.19
CA TRP F 168 -35.93 -78.56 -10.42
C TRP F 168 -35.22 -78.05 -9.17
N ALA F 169 -35.38 -76.77 -8.89
CA ALA F 169 -34.73 -76.15 -7.74
C ALA F 169 -35.54 -74.94 -7.31
N ASN F 170 -35.28 -74.48 -6.09
CA ASN F 170 -35.99 -73.33 -5.52
C ASN F 170 -35.02 -72.60 -4.60
N TYR F 171 -34.41 -71.53 -5.11
CA TYR F 171 -33.49 -70.70 -4.34
C TYR F 171 -34.14 -69.41 -3.86
N SER F 172 -35.47 -69.31 -3.94
CA SER F 172 -36.15 -68.07 -3.59
C SER F 172 -35.95 -67.70 -2.13
N GLU F 173 -36.02 -68.67 -1.22
CA GLU F 173 -35.93 -68.38 0.21
C GLU F 173 -34.62 -67.69 0.57
N CYS F 174 -33.54 -68.00 -0.15
CA CYS F 174 -32.26 -67.35 0.11
C CYS F 174 -32.09 -66.01 -0.59
N VAL F 175 -32.94 -65.68 -1.56
CA VAL F 175 -32.78 -64.46 -2.33
C VAL F 175 -33.80 -63.39 -1.94
N LYS F 176 -34.40 -63.51 -0.75
CA LYS F 176 -35.37 -62.53 -0.29
C LYS F 176 -34.72 -61.17 -0.08
N PHE F 177 -33.51 -61.14 0.48
CA PHE F 177 -32.85 -59.88 0.79
C PHE F 177 -32.38 -59.14 -0.45
N LEU F 178 -32.31 -59.80 -1.60
CA LEU F 178 -31.83 -59.14 -2.81
C LEU F 178 -32.82 -58.07 -3.26
N THR F 179 -32.30 -56.86 -3.50
CA THR F 179 -33.11 -55.73 -3.92
C THR F 179 -32.26 -54.85 -4.81
N ASN F 180 -32.89 -54.29 -5.85
CA ASN F 180 -32.17 -53.40 -6.77
C ASN F 180 -31.56 -52.22 -6.02
N GLU F 181 -32.37 -51.52 -5.23
CA GLU F 181 -31.91 -50.41 -4.39
C GLU F 181 -31.09 -49.40 -5.19
N THR F 182 -31.73 -48.81 -6.20
CA THR F 182 -31.06 -47.80 -7.02
C THR F 182 -30.94 -46.46 -6.34
N ARG F 183 -31.58 -46.28 -5.17
CA ARG F 183 -31.53 -44.98 -4.50
C ARG F 183 -30.13 -44.65 -4.01
N GLU F 184 -29.40 -45.63 -3.49
CA GLU F 184 -28.05 -45.36 -3.00
C GLU F 184 -27.13 -44.92 -4.14
N ARG F 185 -27.18 -45.63 -5.27
CA ARG F 185 -26.36 -45.24 -6.40
C ARG F 185 -26.81 -43.91 -6.99
N GLU F 186 -28.11 -43.63 -6.97
CA GLU F 186 -28.59 -42.33 -7.43
C GLU F 186 -28.06 -41.21 -6.55
N VAL F 187 -28.03 -41.42 -5.23
CA VAL F 187 -27.47 -40.43 -4.31
C VAL F 187 -25.98 -40.24 -4.59
N PHE F 188 -25.26 -41.34 -4.81
CA PHE F 188 -23.84 -41.24 -5.12
C PHE F 188 -23.61 -40.46 -6.41
N ASP F 189 -24.41 -40.73 -7.43
CA ASP F 189 -24.28 -40.00 -8.70
C ASP F 189 -24.62 -38.52 -8.53
N ARG F 190 -25.63 -38.22 -7.71
CA ARG F 190 -25.98 -36.83 -7.44
C ARG F 190 -24.82 -36.11 -6.77
N LEU F 191 -24.22 -36.73 -5.75
CA LEU F 191 -23.07 -36.13 -5.09
C LEU F 191 -21.93 -35.92 -6.06
N GLY F 192 -21.67 -36.93 -6.90
CA GLY F 192 -20.62 -36.80 -7.90
C GLY F 192 -20.85 -35.63 -8.82
N MET F 193 -22.08 -35.48 -9.32
CA MET F 193 -22.41 -34.38 -10.21
C MET F 193 -22.21 -33.04 -9.53
N ILE F 194 -22.67 -32.92 -8.28
CA ILE F 194 -22.59 -31.62 -7.62
C ILE F 194 -21.14 -31.23 -7.34
N TYR F 195 -20.29 -32.15 -6.85
CA TYR F 195 -18.93 -31.67 -6.62
C TYR F 195 -18.16 -31.57 -7.94
N THR F 196 -18.55 -32.31 -8.98
CA THR F 196 -17.91 -32.12 -10.27
C THR F 196 -18.18 -30.72 -10.81
N VAL F 197 -19.44 -30.28 -10.76
CA VAL F 197 -19.77 -28.93 -11.20
C VAL F 197 -19.03 -27.88 -10.36
N GLY F 198 -19.10 -28.04 -9.04
CA GLY F 198 -18.46 -27.07 -8.16
C GLY F 198 -16.97 -27.00 -8.35
N TYR F 199 -16.31 -28.16 -8.48
CA TYR F 199 -14.87 -28.19 -8.65
C TYR F 199 -14.44 -27.69 -10.01
N SER F 200 -15.25 -27.91 -11.05
CA SER F 200 -14.93 -27.33 -12.36
C SER F 200 -15.01 -25.81 -12.31
N VAL F 201 -16.05 -25.27 -11.68
CA VAL F 201 -16.15 -23.81 -11.56
C VAL F 201 -14.99 -23.26 -10.73
N SER F 202 -14.67 -23.94 -9.62
CA SER F 202 -13.55 -23.51 -8.79
C SER F 202 -12.24 -23.57 -9.56
N LEU F 203 -12.03 -24.62 -10.35
CA LEU F 203 -10.80 -24.77 -11.12
C LEU F 203 -10.66 -23.64 -12.14
N ALA F 204 -11.75 -23.33 -12.85
CA ALA F 204 -11.69 -22.23 -13.82
C ALA F 204 -11.39 -20.90 -13.14
N SER F 205 -12.15 -20.59 -12.08
CA SER F 205 -11.97 -19.30 -11.40
C SER F 205 -10.58 -19.20 -10.80
N LEU F 206 -10.06 -20.29 -10.23
CA LEU F 206 -8.76 -20.24 -9.58
C LEU F 206 -7.61 -20.22 -10.58
N THR F 207 -7.78 -20.86 -11.74
CA THR F 207 -6.77 -20.71 -12.80
C THR F 207 -6.70 -19.26 -13.26
N VAL F 208 -7.88 -18.63 -13.45
CA VAL F 208 -7.89 -17.21 -13.80
C VAL F 208 -7.23 -16.39 -12.70
N ALA F 209 -7.54 -16.68 -11.44
CA ALA F 209 -7.02 -15.92 -10.32
C ALA F 209 -5.51 -16.05 -10.21
N VAL F 210 -4.98 -17.28 -10.36
CA VAL F 210 -3.54 -17.47 -10.24
C VAL F 210 -2.82 -16.84 -11.42
N LEU F 211 -3.44 -16.85 -12.61
CA LEU F 211 -2.84 -16.16 -13.75
C LEU F 211 -2.77 -14.66 -13.49
N ILE F 212 -3.84 -14.08 -12.96
CA ILE F 212 -3.84 -12.65 -12.64
C ILE F 212 -2.79 -12.33 -11.59
N LEU F 213 -2.71 -13.15 -10.54
CA LEU F 213 -1.76 -12.88 -9.47
C LEU F 213 -0.32 -12.99 -9.94
N ALA F 214 -0.03 -13.98 -10.78
CA ALA F 214 1.34 -14.16 -11.27
C ALA F 214 1.72 -13.12 -12.31
N TYR F 215 0.76 -12.64 -13.10
CA TYR F 215 1.08 -11.70 -14.17
C TYR F 215 1.48 -10.33 -13.61
N PHE F 216 0.72 -9.81 -12.66
CA PHE F 216 0.91 -8.44 -12.19
C PHE F 216 2.03 -8.40 -11.16
N ARG F 217 3.06 -7.59 -11.43
CA ARG F 217 4.25 -7.58 -10.59
C ARG F 217 4.01 -6.88 -9.25
N ARG F 218 3.25 -5.79 -9.25
CA ARG F 218 3.00 -5.08 -7.99
C ARG F 218 2.24 -5.95 -7.00
N LEU F 219 1.42 -6.87 -7.49
CA LEU F 219 0.70 -7.78 -6.61
C LEU F 219 1.61 -8.79 -5.92
N HIS F 220 2.87 -8.88 -6.32
CA HIS F 220 3.79 -9.86 -5.74
C HIS F 220 4.07 -9.50 -4.30
N CYS F 221 3.43 -10.22 -3.37
CA CYS F 221 3.63 -10.02 -1.95
C CYS F 221 3.56 -11.38 -1.27
N THR F 222 4.10 -11.45 -0.05
CA THR F 222 4.05 -12.69 0.71
C THR F 222 2.62 -13.17 0.88
N ARG F 223 1.70 -12.23 1.14
CA ARG F 223 0.28 -12.57 1.19
C ARG F 223 -0.19 -13.14 -0.14
N ASN F 224 0.18 -12.50 -1.24
CA ASN F 224 -0.22 -12.99 -2.55
C ASN F 224 0.56 -14.22 -2.96
N TYR F 225 1.80 -14.38 -2.49
CA TYR F 225 2.53 -15.62 -2.72
C TYR F 225 1.80 -16.79 -2.09
N ILE F 226 1.39 -16.63 -0.83
CA ILE F 226 0.67 -17.68 -0.13
C ILE F 226 -0.71 -17.91 -0.77
N HIS F 227 -1.30 -16.82 -1.25
CA HIS F 227 -2.59 -16.97 -1.98
C HIS F 227 -2.34 -17.86 -3.19
N MET F 228 -1.32 -17.55 -3.99
CA MET F 228 -1.08 -18.33 -5.20
C MET F 228 -0.82 -19.79 -4.86
N HIS F 229 -0.07 -20.06 -3.79
CA HIS F 229 0.12 -21.45 -3.38
C HIS F 229 -1.21 -22.10 -2.98
N LEU F 230 -2.07 -21.35 -2.27
CA LEU F 230 -3.37 -21.89 -1.89
C LEU F 230 -4.24 -22.17 -3.11
N PHE F 231 -4.23 -21.26 -4.09
CA PHE F 231 -5.00 -21.49 -5.31
C PHE F 231 -4.45 -22.69 -6.07
N LEU F 232 -3.14 -22.84 -6.13
CA LEU F 232 -2.54 -23.99 -6.77
C LEU F 232 -2.95 -25.28 -6.08
N SER F 233 -2.96 -25.28 -4.75
CA SER F 233 -3.40 -26.46 -4.01
C SER F 233 -4.86 -26.76 -4.28
N PHE F 234 -5.70 -25.72 -4.36
CA PHE F 234 -7.12 -25.92 -4.68
C PHE F 234 -7.30 -26.57 -6.04
N MET F 235 -6.65 -26.02 -7.07
CA MET F 235 -6.78 -26.58 -8.41
C MET F 235 -6.17 -27.98 -8.49
N LEU F 236 -5.06 -28.22 -7.79
CA LEU F 236 -4.47 -29.54 -7.79
C LEU F 236 -5.41 -30.56 -7.16
N ARG F 237 -6.06 -30.19 -6.05
CA ARG F 237 -7.05 -31.07 -5.44
C ARG F 237 -8.21 -31.35 -6.38
N ALA F 238 -8.70 -30.30 -7.06
CA ALA F 238 -9.81 -30.48 -7.98
C ALA F 238 -9.46 -31.40 -9.14
N VAL F 239 -8.34 -31.12 -9.82
CA VAL F 239 -7.95 -31.91 -10.97
C VAL F 239 -7.58 -33.32 -10.55
N SER F 240 -7.02 -33.49 -9.34
CA SER F 240 -6.69 -34.82 -8.88
C SER F 240 -7.95 -35.63 -8.58
N ILE F 241 -8.99 -34.96 -8.04
CA ILE F 241 -10.28 -35.62 -7.87
C ILE F 241 -10.84 -36.05 -9.22
N PHE F 242 -10.76 -35.16 -10.22
CA PHE F 242 -11.24 -35.50 -11.56
C PHE F 242 -10.50 -36.71 -12.13
N VAL F 243 -9.18 -36.71 -12.02
CA VAL F 243 -8.38 -37.82 -12.56
C VAL F 243 -8.67 -39.10 -11.81
N LYS F 244 -8.80 -39.03 -10.49
CA LYS F 244 -9.14 -40.21 -9.71
C LYS F 244 -10.48 -40.78 -10.12
N ASP F 245 -11.49 -39.92 -10.30
CA ASP F 245 -12.79 -40.39 -10.73
C ASP F 245 -12.71 -41.06 -12.10
N ALA F 246 -12.01 -40.43 -13.05
CA ALA F 246 -11.91 -40.97 -14.39
C ALA F 246 -11.21 -42.32 -14.41
N VAL F 247 -10.10 -42.44 -13.66
CA VAL F 247 -9.38 -43.70 -13.61
C VAL F 247 -10.13 -44.77 -12.83
N LEU F 248 -10.88 -44.38 -11.81
CA LEU F 248 -11.45 -45.29 -10.82
C LEU F 248 -12.83 -45.80 -11.18
N TYR F 249 -13.63 -45.04 -11.94
CA TYR F 249 -15.02 -45.37 -12.13
C TYR F 249 -15.42 -45.56 -13.58
N SER F 250 -14.51 -45.34 -14.53
CA SER F 250 -14.82 -45.53 -15.95
C SER F 250 -15.05 -47.00 -16.27
N ALA F 280 -7.87 -54.54 -12.54
CA ALA F 280 -7.81 -53.09 -12.55
C ALA F 280 -7.08 -52.55 -11.33
N GLY F 281 -6.70 -53.46 -10.43
CA GLY F 281 -5.98 -53.07 -9.23
C GLY F 281 -4.49 -52.97 -9.44
N TYR F 282 -4.08 -52.31 -10.52
CA TYR F 282 -2.67 -52.16 -10.84
C TYR F 282 -2.12 -50.89 -10.17
N ALA F 283 -0.91 -50.50 -10.57
CA ALA F 283 -0.28 -49.32 -9.98
C ALA F 283 -0.89 -48.03 -10.51
N GLY F 284 -1.44 -48.04 -11.73
CA GLY F 284 -2.02 -46.84 -12.30
C GLY F 284 -3.27 -46.36 -11.58
N CYS F 285 -3.89 -47.22 -10.79
CA CYS F 285 -5.03 -46.86 -9.95
C CYS F 285 -4.60 -46.42 -8.56
N ARG F 286 -3.65 -47.14 -7.97
CA ARG F 286 -3.16 -46.78 -6.65
C ARG F 286 -2.43 -45.45 -6.66
N VAL F 287 -1.72 -45.15 -7.76
CA VAL F 287 -1.04 -43.86 -7.86
C VAL F 287 -2.05 -42.73 -7.96
N ALA F 288 -3.16 -42.96 -8.67
CA ALA F 288 -4.21 -41.94 -8.75
C ALA F 288 -4.86 -41.71 -7.40
N VAL F 289 -5.13 -42.79 -6.65
CA VAL F 289 -5.69 -42.64 -5.31
C VAL F 289 -4.72 -41.90 -4.40
N THR F 290 -3.44 -42.24 -4.49
CA THR F 290 -2.42 -41.56 -3.68
C THR F 290 -2.36 -40.08 -4.01
N PHE F 291 -2.40 -39.74 -5.29
CA PHE F 291 -2.37 -38.33 -5.69
C PHE F 291 -3.61 -37.60 -5.18
N PHE F 292 -4.78 -38.25 -5.27
CA PHE F 292 -5.99 -37.65 -4.74
C PHE F 292 -5.85 -37.32 -3.26
N LEU F 293 -5.43 -38.31 -2.46
CA LEU F 293 -5.29 -38.09 -1.03
C LEU F 293 -4.25 -37.02 -0.73
N TYR F 294 -3.11 -37.08 -1.42
CA TYR F 294 -2.03 -36.13 -1.17
C TYR F 294 -2.46 -34.71 -1.49
N PHE F 295 -3.10 -34.49 -2.64
CA PHE F 295 -3.42 -33.13 -3.03
C PHE F 295 -4.59 -32.58 -2.24
N LEU F 296 -5.53 -33.45 -1.83
CA LEU F 296 -6.56 -33.02 -0.89
C LEU F 296 -5.94 -32.56 0.42
N ALA F 297 -4.97 -33.34 0.92
CA ALA F 297 -4.27 -32.96 2.15
C ALA F 297 -3.51 -31.65 1.97
N THR F 298 -2.88 -31.44 0.81
CA THR F 298 -2.15 -30.20 0.58
C THR F 298 -3.10 -29.01 0.54
N ASN F 299 -4.28 -29.17 -0.08
CA ASN F 299 -5.24 -28.07 -0.06
C ASN F 299 -5.68 -27.73 1.36
N TYR F 300 -5.98 -28.76 2.16
CA TYR F 300 -6.37 -28.52 3.55
C TYR F 300 -5.24 -27.81 4.31
N TYR F 301 -4.01 -28.28 4.13
CA TYR F 301 -2.89 -27.71 4.87
C TYR F 301 -2.50 -26.33 4.36
N TRP F 302 -2.80 -25.99 3.11
CA TRP F 302 -2.56 -24.63 2.65
C TRP F 302 -3.65 -23.68 3.11
N ILE F 303 -4.88 -24.18 3.30
CA ILE F 303 -5.88 -23.39 4.03
C ILE F 303 -5.39 -23.11 5.45
N LEU F 304 -4.84 -24.14 6.10
CA LEU F 304 -4.23 -23.95 7.42
C LEU F 304 -3.07 -22.97 7.36
N VAL F 305 -2.29 -23.00 6.28
CA VAL F 305 -1.16 -22.09 6.15
C VAL F 305 -1.64 -20.65 6.00
N GLU F 306 -2.73 -20.44 5.24
CA GLU F 306 -3.32 -19.12 5.16
C GLU F 306 -3.72 -18.62 6.54
N GLY F 307 -4.40 -19.48 7.30
CA GLY F 307 -4.78 -19.11 8.66
C GLY F 307 -3.58 -18.77 9.53
N LEU F 308 -2.55 -19.62 9.46
CA LEU F 308 -1.35 -19.41 10.28
C LEU F 308 -0.62 -18.13 9.89
N TYR F 309 -0.55 -17.84 8.59
CA TYR F 309 0.15 -16.64 8.15
C TYR F 309 -0.58 -15.39 8.59
N LEU F 310 -1.91 -15.37 8.46
CA LEU F 310 -2.67 -14.22 8.96
C LEU F 310 -2.53 -14.08 10.47
N HIS F 311 -2.56 -15.20 11.18
CA HIS F 311 -2.43 -15.15 12.64
C HIS F 311 -1.06 -14.64 13.05
N SER F 312 -0.01 -15.02 12.32
CA SER F 312 1.33 -14.51 12.61
C SER F 312 1.45 -13.03 12.28
N LEU F 313 0.83 -12.61 11.16
CA LEU F 313 0.85 -11.19 10.81
C LEU F 313 0.18 -10.35 11.88
N ILE F 314 -0.86 -10.89 12.52
CA ILE F 314 -1.57 -10.12 13.53
C ILE F 314 -0.87 -10.20 14.89
N PHE F 315 -0.67 -11.41 15.40
CA PHE F 315 -0.25 -11.58 16.79
C PHE F 315 1.26 -11.52 16.94
N MET F 316 2.01 -12.16 16.05
CA MET F 316 3.45 -11.98 16.07
C MET F 316 3.73 -10.56 15.60
N ALA F 317 3.93 -9.66 16.57
CA ALA F 317 3.85 -8.22 16.35
C ALA F 317 4.48 -7.76 15.03
N PHE F 318 5.66 -8.25 14.73
CA PHE F 318 6.37 -7.86 13.52
C PHE F 318 7.02 -9.09 12.92
N PHE F 319 6.68 -9.36 11.65
CA PHE F 319 6.88 -10.66 11.03
C PHE F 319 8.13 -10.66 10.16
N SER F 320 8.97 -11.68 10.34
CA SER F 320 10.18 -11.85 9.54
C SER F 320 9.86 -12.80 8.38
N GLU F 321 9.79 -12.26 7.17
CA GLU F 321 9.39 -13.05 6.01
C GLU F 321 10.39 -14.16 5.72
N LYS F 322 11.69 -13.85 5.79
CA LYS F 322 12.71 -14.79 5.34
C LYS F 322 12.71 -16.08 6.16
N LYS F 323 12.56 -15.96 7.48
CA LYS F 323 12.63 -17.13 8.35
C LYS F 323 11.39 -18.01 8.27
N TYR F 324 10.23 -17.45 7.97
CA TYR F 324 8.98 -18.17 8.10
C TYR F 324 8.30 -18.52 6.78
N LEU F 325 8.56 -17.80 5.70
CA LEU F 325 7.86 -18.07 4.44
C LEU F 325 8.25 -19.43 3.86
N TRP F 326 9.55 -19.73 3.87
CA TRP F 326 10.01 -21.03 3.38
C TRP F 326 9.47 -22.16 4.25
N GLY F 327 9.46 -21.96 5.57
CA GLY F 327 8.88 -22.95 6.45
C GLY F 327 7.40 -23.17 6.20
N PHE F 328 6.68 -22.08 5.94
CA PHE F 328 5.26 -22.18 5.60
C PHE F 328 5.06 -22.97 4.32
N THR F 329 5.88 -22.69 3.29
CA THR F 329 5.75 -23.42 2.03
C THR F 329 6.02 -24.90 2.22
N VAL F 330 7.08 -25.23 2.97
CA VAL F 330 7.41 -26.64 3.21
C VAL F 330 6.31 -27.32 4.02
N PHE F 331 5.79 -26.65 5.05
CA PHE F 331 4.73 -27.22 5.86
C PHE F 331 3.47 -27.46 5.02
N GLY F 332 3.13 -26.50 4.16
CA GLY F 332 1.94 -26.66 3.34
C GLY F 332 2.07 -27.76 2.31
N TRP F 333 3.24 -27.84 1.64
CA TRP F 333 3.42 -28.82 0.58
C TRP F 333 4.07 -30.12 1.04
N GLY F 334 4.90 -30.06 2.07
CA GLY F 334 5.70 -31.23 2.44
C GLY F 334 5.12 -32.07 3.55
N LEU F 335 4.59 -31.45 4.60
CA LEU F 335 4.01 -32.23 5.69
C LEU F 335 2.87 -33.14 5.25
N PRO F 336 1.93 -32.72 4.40
CA PRO F 336 0.97 -33.69 3.87
C PRO F 336 1.63 -34.86 3.18
N ALA F 337 2.71 -34.61 2.44
CA ALA F 337 3.45 -35.70 1.80
C ALA F 337 3.99 -36.69 2.82
N VAL F 338 4.32 -36.22 4.02
CA VAL F 338 4.88 -37.10 5.04
C VAL F 338 3.88 -38.19 5.41
N PHE F 339 2.68 -37.80 5.84
CA PHE F 339 1.74 -38.83 6.25
C PHE F 339 1.07 -39.51 5.06
N VAL F 340 1.08 -38.89 3.87
CA VAL F 340 0.63 -39.63 2.69
C VAL F 340 1.59 -40.76 2.35
N ALA F 341 2.90 -40.49 2.40
CA ALA F 341 3.88 -41.55 2.18
C ALA F 341 3.81 -42.59 3.28
N VAL F 342 3.56 -42.16 4.52
CA VAL F 342 3.37 -43.12 5.61
C VAL F 342 2.19 -44.03 5.32
N TRP F 343 1.07 -43.45 4.87
CA TRP F 343 -0.10 -44.25 4.53
C TRP F 343 0.21 -45.22 3.39
N VAL F 344 0.94 -44.75 2.38
CA VAL F 344 1.29 -45.62 1.25
C VAL F 344 2.15 -46.79 1.73
N SER F 345 3.14 -46.50 2.57
CA SER F 345 4.02 -47.55 3.07
C SER F 345 3.25 -48.57 3.92
N VAL F 346 2.37 -48.09 4.80
CA VAL F 346 1.61 -49.00 5.65
C VAL F 346 0.63 -49.82 4.82
N ARG F 347 0.03 -49.21 3.80
CA ARG F 347 -0.88 -49.92 2.91
C ARG F 347 -0.15 -51.01 2.15
N ALA F 348 1.05 -50.70 1.64
CA ALA F 348 1.84 -51.70 0.93
C ALA F 348 2.27 -52.83 1.86
N THR F 349 2.65 -52.49 3.10
CA THR F 349 3.15 -53.50 4.02
C THR F 349 2.03 -54.42 4.51
N LEU F 350 0.89 -53.85 4.90
CA LEU F 350 -0.14 -54.61 5.60
C LEU F 350 -1.30 -55.06 4.72
N ALA F 351 -1.73 -54.26 3.76
CA ALA F 351 -2.88 -54.63 2.94
C ALA F 351 -2.51 -54.91 1.49
N ASN F 352 -1.96 -53.91 0.78
CA ASN F 352 -1.55 -54.02 -0.62
C ASN F 352 -2.52 -54.83 -1.47
N THR F 353 -3.82 -54.63 -1.29
CA THR F 353 -4.83 -55.44 -1.94
C THR F 353 -5.67 -54.57 -2.88
N GLY F 354 -5.82 -55.05 -4.11
CA GLY F 354 -6.61 -54.35 -5.12
C GLY F 354 -6.26 -52.90 -5.28
N CYS F 355 -7.21 -52.09 -5.75
CA CYS F 355 -7.04 -50.66 -5.72
C CYS F 355 -7.06 -50.17 -4.27
N TRP F 356 -6.30 -49.12 -3.99
CA TRP F 356 -6.31 -48.49 -2.68
C TRP F 356 -7.56 -47.63 -2.46
N ASP F 357 -8.53 -47.75 -3.37
CA ASP F 357 -9.80 -47.06 -3.20
C ASP F 357 -10.55 -47.52 -1.96
N LEU F 358 -10.56 -48.81 -1.68
CA LEU F 358 -11.28 -49.34 -0.53
C LEU F 358 -10.56 -49.01 0.76
N SER F 359 -11.34 -48.82 1.83
CA SER F 359 -10.80 -48.62 3.15
C SER F 359 -10.24 -49.94 3.70
N SER F 360 -9.21 -49.82 4.53
CA SER F 360 -8.55 -50.99 5.13
C SER F 360 -8.32 -50.70 6.61
N GLY F 361 -9.28 -51.10 7.44
CA GLY F 361 -9.13 -50.92 8.88
C GLY F 361 -9.06 -49.46 9.26
N ASN F 362 -8.27 -49.17 10.30
CA ASN F 362 -8.05 -47.81 10.77
C ASN F 362 -6.89 -47.13 10.05
N LYS F 363 -6.28 -47.81 9.08
CA LYS F 363 -5.20 -47.23 8.30
C LYS F 363 -5.65 -46.03 7.47
N LYS F 364 -6.96 -45.86 7.29
CA LYS F 364 -7.49 -44.65 6.66
C LYS F 364 -7.24 -43.40 7.50
N TRP F 365 -6.98 -43.56 8.80
CA TRP F 365 -6.77 -42.43 9.69
C TRP F 365 -5.34 -41.91 9.65
N ILE F 366 -4.45 -42.52 8.87
CA ILE F 366 -3.12 -41.97 8.70
C ILE F 366 -3.19 -40.61 8.01
N ILE F 367 -4.06 -40.49 7.01
CA ILE F 367 -4.21 -39.24 6.28
C ILE F 367 -5.29 -38.36 6.91
N GLN F 368 -6.40 -38.97 7.37
CA GLN F 368 -7.54 -38.18 7.79
C GLN F 368 -7.34 -37.51 9.14
N VAL F 369 -6.67 -38.17 10.08
CA VAL F 369 -6.46 -37.58 11.40
C VAL F 369 -5.66 -36.28 11.32
N PRO F 370 -4.55 -36.19 10.56
CA PRO F 370 -3.90 -34.88 10.42
C PRO F 370 -4.82 -33.83 9.80
N ILE F 371 -5.47 -34.14 8.68
CA ILE F 371 -6.25 -33.15 7.96
C ILE F 371 -7.31 -32.54 8.88
N LEU F 372 -8.10 -33.39 9.53
CA LEU F 372 -9.11 -32.88 10.46
C LEU F 372 -8.47 -32.04 11.54
N ALA F 373 -7.34 -32.49 12.09
CA ALA F 373 -6.63 -31.70 13.07
C ALA F 373 -6.35 -30.30 12.53
N SER F 374 -5.83 -30.22 11.30
CA SER F 374 -5.59 -28.92 10.68
C SER F 374 -6.87 -28.10 10.69
N ILE F 375 -7.98 -28.70 10.24
CA ILE F 375 -9.27 -28.02 10.28
C ILE F 375 -9.51 -27.44 11.66
N VAL F 376 -9.41 -28.28 12.69
CA VAL F 376 -9.59 -27.83 14.06
C VAL F 376 -8.74 -26.60 14.31
N LEU F 377 -7.43 -26.73 14.09
CA LEU F 377 -6.52 -25.63 14.38
C LEU F 377 -6.97 -24.38 13.63
N ASN F 378 -7.28 -24.52 12.34
CA ASN F 378 -7.64 -23.34 11.57
C ASN F 378 -8.87 -22.68 12.15
N PHE F 379 -9.87 -23.47 12.54
CA PHE F 379 -11.07 -22.88 13.12
C PHE F 379 -10.72 -22.03 14.34
N ILE F 380 -9.85 -22.56 15.20
CA ILE F 380 -9.43 -21.77 16.36
C ILE F 380 -8.83 -20.46 15.89
N LEU F 381 -7.86 -20.54 14.97
CA LEU F 381 -7.27 -19.32 14.44
C LEU F 381 -8.35 -18.38 13.94
N PHE F 382 -9.31 -18.92 13.19
CA PHE F 382 -10.37 -18.10 12.65
C PHE F 382 -11.04 -17.29 13.74
N ILE F 383 -11.54 -17.96 14.77
CA ILE F 383 -12.30 -17.23 15.78
C ILE F 383 -11.41 -16.20 16.45
N ASN F 384 -10.14 -16.55 16.68
CA ASN F 384 -9.24 -15.62 17.34
C ASN F 384 -9.14 -14.33 16.52
N ILE F 385 -8.93 -14.47 15.21
CA ILE F 385 -8.82 -13.27 14.38
C ILE F 385 -10.13 -12.50 14.41
N VAL F 386 -11.25 -13.21 14.36
CA VAL F 386 -12.54 -12.52 14.44
C VAL F 386 -12.61 -11.74 15.75
N ARG F 387 -12.17 -12.35 16.84
CA ARG F 387 -12.11 -11.66 18.12
C ARG F 387 -11.33 -10.36 17.98
N VAL F 388 -10.16 -10.42 17.35
CA VAL F 388 -9.35 -9.22 17.18
C VAL F 388 -10.12 -8.17 16.39
N LEU F 389 -10.81 -8.59 15.34
CA LEU F 389 -11.63 -7.64 14.59
C LEU F 389 -12.69 -7.04 15.49
N ALA F 390 -13.37 -7.89 16.28
CA ALA F 390 -14.34 -7.38 17.23
C ALA F 390 -13.70 -6.42 18.22
N THR F 391 -12.43 -6.65 18.54
CA THR F 391 -11.70 -5.70 19.38
C THR F 391 -11.36 -4.44 18.60
N LYS F 392 -10.88 -4.60 17.36
CA LYS F 392 -10.37 -3.45 16.63
C LYS F 392 -11.46 -2.42 16.39
N LEU F 393 -12.59 -2.85 15.83
CA LEU F 393 -13.72 -1.95 15.65
C LEU F 393 -14.23 -1.41 16.97
N ARG F 394 -14.04 -2.17 18.06
CA ARG F 394 -14.38 -1.66 19.38
C ARG F 394 -13.47 -0.51 19.79
N GLU F 395 -12.18 -0.60 19.45
CA GLU F 395 -11.23 0.41 19.90
C GLU F 395 -11.28 1.68 19.05
N THR F 396 -12.05 1.70 17.97
CA THR F 396 -12.28 2.90 17.18
C THR F 396 -13.75 3.30 17.17
N THR F 403 -21.33 0.25 18.32
CA THR F 403 -22.48 0.60 17.49
C THR F 403 -22.92 -0.57 16.62
N ARG F 404 -24.01 -0.39 15.88
CA ARG F 404 -24.48 -1.43 14.99
C ARG F 404 -23.65 -1.50 13.70
N GLN F 405 -23.06 -0.38 13.28
CA GLN F 405 -22.26 -0.38 12.07
C GLN F 405 -20.97 -1.17 12.25
N GLN F 406 -20.34 -1.08 13.42
CA GLN F 406 -19.15 -1.88 13.67
C GLN F 406 -19.50 -3.36 13.74
N TYR F 407 -20.67 -3.69 14.27
CA TYR F 407 -21.11 -5.08 14.26
C TYR F 407 -21.37 -5.57 12.84
N ARG F 408 -21.95 -4.72 11.99
CA ARG F 408 -22.15 -5.09 10.59
C ARG F 408 -20.82 -5.31 9.88
N LYS F 409 -19.84 -4.44 10.15
CA LYS F 409 -18.52 -4.61 9.56
C LYS F 409 -17.86 -5.90 10.03
N LEU F 410 -17.99 -6.21 11.31
CA LEU F 410 -17.45 -7.47 11.83
C LEU F 410 -18.12 -8.66 11.17
N LEU F 411 -19.45 -8.59 10.97
CA LEU F 411 -20.16 -9.67 10.31
C LEU F 411 -19.68 -9.85 8.88
N LYS F 412 -19.51 -8.74 8.15
CA LYS F 412 -19.01 -8.84 6.78
C LYS F 412 -17.61 -9.42 6.75
N SER F 413 -16.75 -9.00 7.68
CA SER F 413 -15.38 -9.50 7.72
C SER F 413 -15.35 -11.00 8.01
N THR F 414 -16.15 -11.46 8.97
CA THR F 414 -16.14 -12.88 9.27
C THR F 414 -16.75 -13.69 8.14
N LEU F 415 -17.76 -13.14 7.44
CA LEU F 415 -18.32 -13.84 6.30
C LEU F 415 -17.31 -13.99 5.18
N VAL F 416 -16.53 -12.93 4.90
CA VAL F 416 -15.53 -13.03 3.84
C VAL F 416 -14.29 -13.80 4.29
N LEU F 417 -14.09 -13.97 5.60
CA LEU F 417 -12.97 -14.75 6.11
C LEU F 417 -13.30 -16.23 6.29
N MET F 418 -14.57 -16.59 6.28
CA MET F 418 -14.93 -18.01 6.39
C MET F 418 -14.38 -18.87 5.25
N PRO F 419 -14.53 -18.50 3.97
CA PRO F 419 -14.00 -19.38 2.91
C PRO F 419 -12.49 -19.56 2.96
N LEU F 420 -11.74 -18.54 3.39
CA LEU F 420 -10.29 -18.65 3.41
C LEU F 420 -9.81 -19.61 4.50
N PHE F 421 -10.54 -19.69 5.60
CA PHE F 421 -10.17 -20.55 6.72
C PHE F 421 -10.84 -21.92 6.67
N GLY F 422 -11.71 -22.16 5.70
CA GLY F 422 -12.45 -23.41 5.65
C GLY F 422 -13.32 -23.63 6.88
N VAL F 423 -14.07 -22.60 7.27
CA VAL F 423 -14.86 -22.68 8.50
C VAL F 423 -15.97 -23.72 8.34
N HIS F 424 -16.54 -23.84 7.15
CA HIS F 424 -17.60 -24.81 6.92
C HIS F 424 -17.16 -26.23 7.22
N TYR F 425 -15.85 -26.49 7.23
CA TYR F 425 -15.34 -27.83 7.52
C TYR F 425 -15.65 -28.24 8.96
N ILE F 426 -15.81 -27.27 9.87
CA ILE F 426 -15.94 -27.61 11.28
C ILE F 426 -17.31 -28.22 11.60
N VAL F 427 -18.31 -28.01 10.75
CA VAL F 427 -19.65 -28.50 11.05
C VAL F 427 -19.68 -30.02 11.07
N PHE F 428 -19.13 -30.65 10.04
CA PHE F 428 -19.10 -32.11 9.93
C PHE F 428 -17.69 -32.67 10.08
N MET F 429 -16.83 -31.96 10.82
CA MET F 429 -15.45 -32.42 11.00
C MET F 429 -15.40 -33.75 11.74
N ALA F 430 -16.17 -33.90 12.81
CA ALA F 430 -16.07 -35.04 13.71
C ALA F 430 -17.06 -36.15 13.39
N THR F 431 -17.82 -36.03 12.31
CA THR F 431 -18.75 -37.09 11.94
C THR F 431 -17.98 -38.35 11.58
N PRO F 432 -18.33 -39.50 12.15
CA PRO F 432 -17.65 -40.75 11.80
C PRO F 432 -18.25 -41.35 10.53
N TYR F 433 -17.76 -42.55 10.20
CA TYR F 433 -18.25 -43.26 9.01
C TYR F 433 -19.60 -43.86 9.35
N THR F 434 -20.66 -43.06 9.16
CA THR F 434 -22.01 -43.50 9.47
C THR F 434 -22.61 -44.27 8.29
N GLU F 435 -23.75 -44.89 8.54
CA GLU F 435 -24.43 -45.64 7.49
C GLU F 435 -24.86 -44.71 6.36
N VAL F 436 -24.68 -45.16 5.13
CA VAL F 436 -24.98 -44.33 3.96
C VAL F 436 -26.46 -43.98 3.92
N SER F 437 -27.33 -44.95 4.19
CA SER F 437 -28.77 -44.73 4.15
C SER F 437 -29.22 -44.09 5.46
N GLY F 438 -28.79 -42.86 5.66
CA GLY F 438 -29.13 -42.12 6.86
C GLY F 438 -29.23 -40.65 6.57
N THR F 439 -30.09 -39.96 7.33
CA THR F 439 -30.26 -38.52 7.15
C THR F 439 -28.98 -37.77 7.47
N LEU F 440 -28.28 -38.17 8.54
CA LEU F 440 -27.03 -37.51 8.90
C LEU F 440 -26.00 -37.65 7.79
N TRP F 441 -25.83 -38.87 7.27
CA TRP F 441 -24.85 -39.10 6.21
C TRP F 441 -25.20 -38.32 4.96
N GLN F 442 -26.48 -38.32 4.56
CA GLN F 442 -26.87 -37.61 3.34
C GLN F 442 -26.70 -36.11 3.49
N VAL F 443 -27.07 -35.56 4.64
CA VAL F 443 -26.90 -34.12 4.88
C VAL F 443 -25.43 -33.76 4.86
N GLN F 444 -24.61 -34.55 5.56
CA GLN F 444 -23.17 -34.32 5.57
C GLN F 444 -22.59 -34.35 4.17
N MET F 445 -22.95 -35.38 3.40
CA MET F 445 -22.37 -35.54 2.07
C MET F 445 -22.79 -34.40 1.15
N HIS F 446 -24.08 -34.05 1.14
CA HIS F 446 -24.53 -32.99 0.24
C HIS F 446 -23.90 -31.65 0.61
N TYR F 447 -23.97 -31.29 1.91
CA TYR F 447 -23.42 -30.02 2.36
C TYR F 447 -21.92 -29.95 2.08
N GLU F 448 -21.20 -31.02 2.40
CA GLU F 448 -19.75 -31.01 2.24
C GLU F 448 -19.35 -31.01 0.77
N MET F 449 -20.02 -31.80 -0.07
CA MET F 449 -19.68 -31.77 -1.49
C MET F 449 -19.89 -30.37 -2.06
N LEU F 450 -21.07 -29.79 -1.81
CA LEU F 450 -21.35 -28.46 -2.34
C LEU F 450 -20.32 -27.45 -1.86
N PHE F 451 -20.11 -27.38 -0.54
CA PHE F 451 -19.26 -26.31 0.00
C PHE F 451 -17.79 -26.53 -0.31
N ASN F 452 -17.30 -27.78 -0.26
CA ASN F 452 -15.92 -28.06 -0.61
C ASN F 452 -15.66 -27.77 -2.07
N SER F 453 -16.59 -28.16 -2.95
CA SER F 453 -16.40 -27.91 -4.38
C SER F 453 -16.40 -26.41 -4.69
N PHE F 454 -17.27 -25.65 -4.03
CA PHE F 454 -17.36 -24.22 -4.31
C PHE F 454 -16.46 -23.36 -3.42
N GLN F 455 -15.70 -23.97 -2.49
CA GLN F 455 -14.83 -23.20 -1.62
C GLN F 455 -13.73 -22.50 -2.41
N GLY F 456 -13.11 -23.19 -3.36
CA GLY F 456 -12.10 -22.55 -4.17
C GLY F 456 -12.67 -21.41 -5.00
N PHE F 457 -13.88 -21.59 -5.52
CA PHE F 457 -14.54 -20.53 -6.27
C PHE F 457 -14.79 -19.32 -5.39
N PHE F 458 -15.30 -19.54 -4.18
CA PHE F 458 -15.56 -18.43 -3.26
C PHE F 458 -14.27 -17.72 -2.87
N VAL F 459 -13.21 -18.49 -2.62
CA VAL F 459 -11.92 -17.89 -2.25
C VAL F 459 -11.39 -17.05 -3.41
N ALA F 460 -11.48 -17.57 -4.63
CA ALA F 460 -11.04 -16.81 -5.79
C ALA F 460 -11.83 -15.51 -5.95
N ILE F 461 -13.15 -15.61 -5.78
CA ILE F 461 -14.01 -14.42 -5.88
C ILE F 461 -13.58 -13.37 -4.86
N ILE F 462 -13.42 -13.80 -3.60
CA ILE F 462 -13.20 -12.84 -2.52
C ILE F 462 -11.80 -12.22 -2.62
N TYR F 463 -10.78 -13.04 -2.86
CA TYR F 463 -9.41 -12.60 -2.69
C TYR F 463 -8.68 -12.31 -3.99
N CYS F 464 -9.31 -12.55 -5.15
CA CYS F 464 -8.76 -12.07 -6.41
C CYS F 464 -9.70 -11.14 -7.15
N PHE F 465 -10.97 -11.54 -7.31
CA PHE F 465 -11.88 -10.79 -8.16
C PHE F 465 -12.55 -9.64 -7.41
N CYS F 466 -12.80 -9.80 -6.11
CA CYS F 466 -13.32 -8.72 -5.30
C CYS F 466 -12.24 -7.97 -4.53
N ASN F 467 -10.98 -8.37 -4.67
CA ASN F 467 -9.90 -7.70 -3.97
C ASN F 467 -9.71 -6.28 -4.51
N GLY F 468 -9.59 -5.32 -3.60
CA GLY F 468 -9.46 -3.93 -4.01
C GLY F 468 -8.19 -3.67 -4.81
N GLU F 469 -7.06 -4.21 -4.35
CA GLU F 469 -5.80 -4.02 -5.06
C GLU F 469 -5.84 -4.66 -6.44
N VAL F 470 -6.36 -5.89 -6.52
CA VAL F 470 -6.41 -6.59 -7.80
C VAL F 470 -7.40 -5.92 -8.74
N GLN F 471 -8.54 -5.46 -8.21
CA GLN F 471 -9.50 -4.75 -9.04
C GLN F 471 -8.90 -3.45 -9.58
N ALA F 472 -8.18 -2.71 -8.73
CA ALA F 472 -7.55 -1.48 -9.19
C ALA F 472 -6.51 -1.77 -10.27
N GLU F 473 -5.73 -2.84 -10.07
CA GLU F 473 -4.72 -3.20 -11.07
C GLU F 473 -5.38 -3.58 -12.40
N ILE F 474 -6.46 -4.36 -12.35
CA ILE F 474 -7.16 -4.76 -13.57
C ILE F 474 -7.71 -3.53 -14.29
N LYS F 475 -8.34 -2.63 -13.53
CA LYS F 475 -8.91 -1.43 -14.14
C LYS F 475 -7.83 -0.56 -14.77
N LYS F 476 -6.71 -0.37 -14.06
CA LYS F 476 -5.63 0.45 -14.60
C LYS F 476 -5.04 -0.17 -15.86
N SER F 477 -4.78 -1.48 -15.83
CA SER F 477 -4.20 -2.14 -16.99
C SER F 477 -5.14 -2.08 -18.19
N TRP F 478 -6.44 -2.34 -17.97
CA TRP F 478 -7.40 -2.32 -19.06
C TRP F 478 -7.56 -0.91 -19.62
N SER F 479 -7.62 0.11 -18.75
CA SER F 479 -7.76 1.48 -19.23
C SER F 479 -6.54 1.92 -20.02
N ARG F 480 -5.34 1.56 -19.55
CA ARG F 480 -4.13 1.94 -20.28
C ARG F 480 -3.99 1.15 -21.57
N TRP F 481 -4.53 -0.07 -21.63
CA TRP F 481 -4.50 -0.85 -22.87
C TRP F 481 -5.46 -0.27 -23.89
N THR F 482 -6.66 0.12 -23.46
CA THR F 482 -7.62 0.73 -24.38
C THR F 482 -7.12 2.08 -24.89
N LEU F 483 -6.53 2.88 -24.02
CA LEU F 483 -6.00 4.19 -24.40
C LEU F 483 -4.74 4.04 -25.25
#